data_2R00
#
_entry.id   2R00
#
_cell.length_a   122.376
_cell.length_b   84.679
_cell.length_c   114.976
_cell.angle_alpha   90.00
_cell.angle_beta   102.07
_cell.angle_gamma   90.00
#
_symmetry.space_group_name_H-M   'C 1 2 1'
#
loop_
_entity.id
_entity.type
_entity.pdbx_description
1 polymer 'Aspartate-semialdehyde dehydrogenase'
2 polymer 'Aspartate-semialdehyde dehydrogenase'
3 non-polymer "2,2'-oxydiacetic acid"
4 water water
#
loop_
_entity_poly.entity_id
_entity_poly.type
_entity_poly.pdbx_seq_one_letter_code
_entity_poly.pdbx_strand_id
1 'polypeptide(L)'
;SQQFNVAIFGATGAVGETMLEVLQEREFPVDELFLLASERSEGKTYRFNGKTVRVQNVEEFDWSQVHIALFSAGGELSAK
WAPIAAEAGVVVIDNTSHFRYDYDIPLVVPEVNPEAIAEFRNRNIIANPNCSTIQMLVALKPIYDAVGIERINVTTYQSV
SGAGKAGIDELAGQTAKLLNGYPAETNTFSQQIAFNCIPQIDQFMDNGYTKEEMKMVWETQKIFNDPSIMVNPTCVRVPV
FYGHAEAVHVETRAPIDAEQVMDMLEQTDGIELFRGADFPTQVRDAGGKDHVLVGRVRNDISHHSGINLWVVADNVRKGA
ATNAVQIAELLVRDYF
;
A,B
2 'polypeptide(L)'
;SQQFNVAIFGATGAVGETMLEVLQEREFPVDELFLLASERSEGKTYRFNGKTVRVQNVEEFDWSQVHIALFSAGGELSAK
WAPIAAEAGVVVIDNTSHFRYDYDIPLVVPEVNPEAIAEFRNRNIIANPN(HTI)STIQMLVALKPIYDAVGIERINVTT
YQSVSGAGKAGIDELAGQTAKLLNGYPAETNTFSQQIAFNCIPQIDQFMDNGYTKEEMKMVWETQKIFNDPSIMVNPTCV
RVPVFYGHAEAVHVETRAPIDAEQVMDMLEQTDGIELFRGADFPTQVRDAGGKDHVLVGRVRNDISHHSGINLWVVADNV
RKGAATNAVQIAELLVRDYF
;
C
#
loop_
_chem_comp.id
_chem_comp.type
_chem_comp.name
_chem_comp.formula
OEG non-polymer '2,2'-oxydiacetic acid' 'C4 H6 O5'
#
# COMPACT_ATOMS: atom_id res chain seq x y z
N GLN A 2 -30.05 22.88 -23.23
CA GLN A 2 -29.53 21.52 -23.57
C GLN A 2 -29.43 20.62 -22.34
N GLN A 3 -30.09 19.46 -22.41
CA GLN A 3 -30.16 18.55 -21.30
C GLN A 3 -29.78 17.14 -21.73
N PHE A 4 -29.16 16.40 -20.81
CA PHE A 4 -28.56 15.11 -21.14
C PHE A 4 -29.14 13.99 -20.29
N ASN A 5 -29.27 12.81 -20.90
CA ASN A 5 -29.64 11.61 -20.17
C ASN A 5 -28.40 11.00 -19.52
N VAL A 6 -28.55 10.68 -18.24
CA VAL A 6 -27.44 10.23 -17.40
C VAL A 6 -27.81 8.99 -16.60
N ALA A 7 -26.89 8.03 -16.58
CA ALA A 7 -27.02 6.82 -15.77
C ALA A 7 -26.01 6.85 -14.64
N ILE A 8 -26.41 6.32 -13.49
CA ILE A 8 -25.49 6.00 -12.41
C ILE A 8 -25.54 4.51 -12.20
N PHE A 9 -24.39 3.84 -12.36
CA PHE A 9 -24.29 2.41 -12.13
C PHE A 9 -23.62 2.15 -10.79
N GLY A 10 -24.29 1.38 -9.94
CA GLY A 10 -23.91 1.24 -8.54
C GLY A 10 -24.68 2.25 -7.72
N ALA A 11 -25.92 2.51 -8.12
CA ALA A 11 -26.75 3.58 -7.55
C ALA A 11 -27.15 3.38 -6.09
N THR A 12 -27.11 2.14 -5.60
CA THR A 12 -27.48 1.85 -4.21
C THR A 12 -26.26 1.83 -3.28
N GLY A 13 -25.08 1.97 -3.85
CA GLY A 13 -23.86 2.12 -3.06
C GLY A 13 -23.70 3.55 -2.57
N ALA A 14 -22.83 3.74 -1.58
CA ALA A 14 -22.63 5.04 -0.95
C ALA A 14 -22.11 6.12 -1.90
N VAL A 15 -21.19 5.74 -2.80
CA VAL A 15 -20.69 6.73 -3.77
C VAL A 15 -21.76 7.05 -4.80
N GLY A 16 -22.44 6.00 -5.30
CA GLY A 16 -23.52 6.15 -6.27
C GLY A 16 -24.62 7.06 -5.75
N GLU A 17 -24.99 6.87 -4.48
CA GLU A 17 -26.01 7.72 -3.82
C GLU A 17 -25.51 9.15 -3.70
N THR A 18 -24.21 9.29 -3.41
CA THR A 18 -23.59 10.61 -3.33
C THR A 18 -23.56 11.30 -4.70
N MET A 19 -23.30 10.52 -5.76
CA MET A 19 -23.32 11.06 -7.12
C MET A 19 -24.66 11.70 -7.49
N LEU A 20 -25.77 11.03 -7.15
CA LEU A 20 -27.10 11.59 -7.35
C LEU A 20 -27.23 12.94 -6.63
N GLU A 21 -26.84 12.98 -5.36
CA GLU A 21 -26.86 14.22 -4.55
C GLU A 21 -26.04 15.35 -5.15
N VAL A 22 -24.86 15.01 -5.69
CA VAL A 22 -23.98 16.00 -6.29
C VAL A 22 -24.55 16.54 -7.60
N LEU A 23 -25.09 15.66 -8.45
CA LEU A 23 -25.76 16.07 -9.68
C LEU A 23 -26.90 17.06 -9.40
N GLN A 24 -27.63 16.81 -8.33
CA GLN A 24 -28.70 17.70 -7.90
C GLN A 24 -28.13 19.03 -7.37
N GLU A 25 -27.25 18.96 -6.37
CA GLU A 25 -26.63 20.16 -5.79
C GLU A 25 -25.93 21.06 -6.82
N ARG A 26 -25.19 20.46 -7.74
CA ARG A 26 -24.48 21.18 -8.80
C ARG A 26 -25.38 21.61 -9.97
N GLU A 27 -26.66 21.24 -9.89
CA GLU A 27 -27.65 21.59 -10.93
C GLU A 27 -27.18 21.17 -12.33
N PHE A 28 -26.68 19.94 -12.43
CA PHE A 28 -26.30 19.37 -13.73
C PHE A 28 -27.52 19.29 -14.65
N PRO A 29 -27.36 19.65 -15.94
CA PRO A 29 -28.50 19.62 -16.85
C PRO A 29 -28.93 18.20 -17.23
N VAL A 30 -29.64 17.56 -16.30
CA VAL A 30 -30.15 16.22 -16.50
C VAL A 30 -31.55 16.32 -17.11
N ASP A 31 -31.74 15.61 -18.22
CA ASP A 31 -33.05 15.37 -18.78
C ASP A 31 -33.63 14.19 -18.01
N GLU A 32 -33.19 12.97 -18.36
CA GLU A 32 -33.60 11.78 -17.62
C GLU A 32 -32.43 11.15 -16.86
N LEU A 33 -32.67 10.78 -15.61
CA LEU A 33 -31.68 10.07 -14.81
C LEU A 33 -32.08 8.61 -14.69
N PHE A 34 -31.12 7.72 -14.93
CA PHE A 34 -31.33 6.27 -14.76
C PHE A 34 -30.42 5.74 -13.65
N LEU A 35 -30.98 4.90 -12.79
CA LEU A 35 -30.22 4.31 -11.71
C LEU A 35 -30.14 2.81 -11.92
N LEU A 36 -28.91 2.31 -11.97
CA LEU A 36 -28.65 0.90 -12.28
C LEU A 36 -27.95 0.21 -11.13
N ALA A 37 -28.30 -1.06 -10.93
CA ALA A 37 -27.63 -1.92 -9.96
C ALA A 37 -27.88 -3.38 -10.33
N SER A 38 -27.55 -4.30 -9.43
CA SER A 38 -27.86 -5.71 -9.63
C SER A 38 -29.36 -5.95 -9.41
N GLU A 39 -29.79 -7.18 -9.67
CA GLU A 39 -31.20 -7.55 -9.54
C GLU A 39 -31.72 -7.40 -8.11
N ARG A 40 -30.85 -7.55 -7.12
CA ARG A 40 -31.23 -7.51 -5.72
C ARG A 40 -31.66 -6.12 -5.24
N SER A 41 -31.17 -5.08 -5.92
CA SER A 41 -31.46 -3.68 -5.58
C SER A 41 -32.60 -3.10 -6.40
N GLU A 42 -33.00 -3.84 -7.43
CA GLU A 42 -34.02 -3.38 -8.37
C GLU A 42 -35.35 -3.00 -7.70
N GLY A 43 -35.88 -1.85 -8.08
CA GLY A 43 -37.16 -1.38 -7.55
C GLY A 43 -37.05 -0.37 -6.42
N LYS A 44 -35.85 -0.19 -5.87
CA LYS A 44 -35.65 0.83 -4.85
C LYS A 44 -35.84 2.23 -5.45
N THR A 45 -36.37 3.16 -4.67
CA THR A 45 -36.67 4.49 -5.19
C THR A 45 -35.87 5.60 -4.53
N TYR A 46 -35.53 6.60 -5.35
CA TYR A 46 -34.80 7.78 -4.92
C TYR A 46 -35.46 9.04 -5.49
N ARG A 47 -35.27 10.17 -4.78
CA ARG A 47 -35.82 11.44 -5.23
C ARG A 47 -34.70 12.29 -5.82
N PHE A 48 -34.90 12.75 -7.05
CA PHE A 48 -33.88 13.55 -7.73
C PHE A 48 -34.54 14.70 -8.48
N ASN A 49 -34.13 15.92 -8.16
CA ASN A 49 -34.73 17.13 -8.74
C ASN A 49 -36.27 17.13 -8.63
N GLY A 50 -36.77 16.65 -7.49
CA GLY A 50 -38.20 16.61 -7.20
C GLY A 50 -38.98 15.50 -7.89
N LYS A 51 -38.27 14.63 -8.61
CA LYS A 51 -38.87 13.50 -9.32
C LYS A 51 -38.41 12.16 -8.74
N THR A 52 -39.25 11.13 -8.86
CA THR A 52 -38.91 9.79 -8.38
C THR A 52 -38.14 9.01 -9.46
N VAL A 53 -37.03 8.38 -9.04
CA VAL A 53 -36.26 7.52 -9.93
C VAL A 53 -36.18 6.11 -9.36
N ARG A 54 -36.48 5.11 -10.19
CA ARG A 54 -36.49 3.72 -9.76
C ARG A 54 -35.25 2.95 -10.25
N VAL A 55 -34.55 2.31 -9.32
CA VAL A 55 -33.40 1.46 -9.66
C VAL A 55 -33.85 0.29 -10.53
N GLN A 56 -33.13 0.05 -11.62
CA GLN A 56 -33.39 -1.11 -12.47
C GLN A 56 -32.17 -2.01 -12.60
N ASN A 57 -32.39 -3.21 -13.10
CA ASN A 57 -31.34 -4.19 -13.28
C ASN A 57 -30.48 -3.81 -14.49
N VAL A 58 -29.17 -3.72 -14.26
CA VAL A 58 -28.22 -3.40 -15.34
C VAL A 58 -28.29 -4.40 -16.50
N GLU A 59 -28.58 -5.67 -16.17
CA GLU A 59 -28.67 -6.76 -17.16
C GLU A 59 -29.75 -6.54 -18.21
N GLU A 60 -30.80 -5.78 -17.85
CA GLU A 60 -31.92 -5.48 -18.76
C GLU A 60 -31.84 -4.09 -19.40
N PHE A 61 -30.86 -3.27 -19.00
CA PHE A 61 -30.81 -1.87 -19.40
C PHE A 61 -30.40 -1.66 -20.85
N ASP A 62 -31.14 -0.78 -21.53
CA ASP A 62 -30.80 -0.31 -22.88
C ASP A 62 -29.96 0.95 -22.76
N TRP A 63 -28.68 0.84 -23.12
CA TRP A 63 -27.71 1.93 -22.92
C TRP A 63 -27.87 3.07 -23.93
N SER A 64 -28.62 2.80 -25.01
CA SER A 64 -28.93 3.81 -26.03
C SER A 64 -29.71 4.98 -25.48
N GLN A 65 -30.31 4.78 -24.31
CA GLN A 65 -31.07 5.83 -23.62
C GLN A 65 -30.22 6.97 -23.07
N VAL A 66 -28.91 6.76 -22.88
CA VAL A 66 -28.11 7.74 -22.14
C VAL A 66 -26.92 8.30 -22.92
N HIS A 67 -26.52 9.52 -22.55
CA HIS A 67 -25.36 10.18 -23.12
C HIS A 67 -24.11 9.87 -22.31
N ILE A 68 -24.26 9.84 -20.99
CA ILE A 68 -23.15 9.75 -20.04
C ILE A 68 -23.54 8.82 -18.90
N ALA A 69 -22.58 8.01 -18.46
CA ALA A 69 -22.82 7.16 -17.29
C ALA A 69 -21.71 7.38 -16.27
N LEU A 70 -22.09 7.44 -15.00
CA LEU A 70 -21.14 7.47 -13.89
C LEU A 70 -21.17 6.10 -13.25
N PHE A 71 -20.02 5.42 -13.23
CA PHE A 71 -19.92 4.07 -12.68
C PHE A 71 -19.24 4.11 -11.32
N SER A 72 -19.87 3.48 -10.33
CA SER A 72 -19.19 3.29 -9.04
C SER A 72 -19.69 2.03 -8.33
N ALA A 73 -19.56 0.90 -9.00
CA ALA A 73 -19.98 -0.39 -8.44
C ALA A 73 -18.83 -1.40 -8.35
N GLY A 74 -17.59 -0.92 -8.31
CA GLY A 74 -16.44 -1.80 -8.15
C GLY A 74 -15.81 -2.12 -9.49
N GLY A 75 -14.51 -2.40 -9.46
CA GLY A 75 -13.71 -2.54 -10.66
C GLY A 75 -14.12 -3.66 -11.60
N GLU A 76 -14.48 -4.81 -11.04
CA GLU A 76 -14.81 -5.96 -11.91
C GLU A 76 -16.10 -5.76 -12.69
N LEU A 77 -17.08 -5.10 -12.07
CA LEU A 77 -18.29 -4.73 -12.80
C LEU A 77 -18.06 -3.68 -13.86
N SER A 78 -17.15 -2.73 -13.60
CA SER A 78 -16.73 -1.78 -14.64
C SER A 78 -16.01 -2.46 -15.80
N ALA A 79 -15.12 -3.40 -15.47
CA ALA A 79 -14.42 -4.21 -16.47
C ALA A 79 -15.38 -4.86 -17.47
N LYS A 80 -16.46 -5.44 -16.94
CA LYS A 80 -17.53 -6.07 -17.72
C LYS A 80 -18.41 -5.05 -18.45
N TRP A 81 -18.97 -4.11 -17.69
CA TRP A 81 -20.03 -3.23 -18.19
C TRP A 81 -19.63 -1.94 -18.93
N ALA A 82 -18.48 -1.36 -18.61
CA ALA A 82 -18.08 -0.13 -19.27
C ALA A 82 -17.83 -0.29 -20.76
N PRO A 83 -17.16 -1.39 -21.18
CA PRO A 83 -17.08 -1.63 -22.63
C PRO A 83 -18.44 -1.70 -23.34
N ILE A 84 -19.42 -2.30 -22.68
CA ILE A 84 -20.78 -2.47 -23.22
C ILE A 84 -21.51 -1.12 -23.37
N ALA A 85 -21.44 -0.29 -22.32
CA ALA A 85 -21.96 1.07 -22.40
C ALA A 85 -21.24 1.86 -23.48
N ALA A 86 -19.91 1.79 -23.49
CA ALA A 86 -19.11 2.51 -24.49
C ALA A 86 -19.50 2.13 -25.92
N GLU A 87 -19.65 0.82 -26.16
CA GLU A 87 -20.04 0.29 -27.47
C GLU A 87 -21.38 0.87 -27.91
N ALA A 88 -22.29 1.10 -26.97
CA ALA A 88 -23.59 1.68 -27.26
C ALA A 88 -23.53 3.20 -27.50
N GLY A 89 -22.34 3.78 -27.35
CA GLY A 89 -22.12 5.20 -27.60
C GLY A 89 -22.25 6.09 -26.36
N VAL A 90 -22.33 5.47 -25.18
CA VAL A 90 -22.32 6.18 -23.90
C VAL A 90 -20.87 6.56 -23.52
N VAL A 91 -20.67 7.75 -22.94
CA VAL A 91 -19.37 8.10 -22.37
C VAL A 91 -19.39 7.78 -20.88
N VAL A 92 -18.50 6.86 -20.48
CA VAL A 92 -18.48 6.35 -19.12
C VAL A 92 -17.42 7.10 -18.31
N ILE A 93 -17.84 7.65 -17.17
CA ILE A 93 -16.90 8.22 -16.21
C ILE A 93 -16.80 7.21 -15.08
N ASP A 94 -15.60 6.62 -14.93
CA ASP A 94 -15.45 5.41 -14.13
C ASP A 94 -14.76 5.67 -12.81
N ASN A 95 -15.51 5.50 -11.72
CA ASN A 95 -14.95 5.66 -10.40
C ASN A 95 -14.51 4.32 -9.82
N THR A 96 -13.60 3.64 -10.53
CA THR A 96 -12.90 2.47 -10.00
C THR A 96 -11.43 2.55 -10.39
N SER A 97 -10.63 1.62 -9.90
CA SER A 97 -9.23 1.54 -10.34
C SER A 97 -9.08 0.90 -11.72
N HIS A 98 -10.14 0.26 -12.22
CA HIS A 98 -9.96 -0.62 -13.40
C HIS A 98 -9.31 0.03 -14.62
N PHE A 99 -9.79 1.20 -15.04
CA PHE A 99 -9.27 1.84 -16.27
C PHE A 99 -8.26 2.96 -16.07
N ARG A 100 -7.87 3.21 -14.83
CA ARG A 100 -7.00 4.36 -14.53
C ARG A 100 -5.62 4.30 -15.21
N TYR A 101 -5.13 3.09 -15.48
CA TYR A 101 -3.72 2.90 -15.92
C TYR A 101 -3.64 2.55 -17.41
N ASP A 102 -4.80 2.47 -18.06
CA ASP A 102 -4.88 2.22 -19.50
C ASP A 102 -4.30 3.39 -20.28
N TYR A 103 -3.31 3.10 -21.11
CA TYR A 103 -2.57 4.11 -21.86
C TYR A 103 -3.49 5.05 -22.65
N ASP A 104 -4.53 4.47 -23.24
CA ASP A 104 -5.44 5.17 -24.13
C ASP A 104 -6.62 5.87 -23.43
N ILE A 105 -6.69 5.77 -22.11
CA ILE A 105 -7.84 6.30 -21.36
C ILE A 105 -7.37 7.44 -20.46
N PRO A 106 -7.98 8.64 -20.60
CA PRO A 106 -7.60 9.76 -19.76
C PRO A 106 -7.97 9.57 -18.29
N LEU A 107 -7.10 10.03 -17.40
CA LEU A 107 -7.33 10.01 -15.95
C LEU A 107 -7.38 11.44 -15.47
N VAL A 108 -8.55 11.90 -15.02
CA VAL A 108 -8.81 13.34 -14.98
C VAL A 108 -9.14 13.93 -13.61
N VAL A 109 -8.39 14.98 -13.24
CA VAL A 109 -8.76 15.91 -12.17
C VAL A 109 -9.00 17.26 -12.86
N PRO A 110 -10.27 17.70 -12.94
CA PRO A 110 -10.64 18.90 -13.73
C PRO A 110 -9.90 20.20 -13.41
N GLU A 111 -9.39 20.38 -12.20
CA GLU A 111 -8.62 21.58 -11.86
C GLU A 111 -7.19 21.48 -12.40
N VAL A 112 -6.79 20.27 -12.77
CA VAL A 112 -5.39 20.04 -13.13
C VAL A 112 -5.21 19.74 -14.62
N ASN A 113 -5.89 18.70 -15.11
CA ASN A 113 -5.69 18.27 -16.49
C ASN A 113 -6.99 18.13 -17.29
N PRO A 114 -7.84 19.19 -17.31
CA PRO A 114 -9.14 19.05 -17.97
C PRO A 114 -8.98 18.80 -19.47
N GLU A 115 -7.83 19.21 -20.03
CA GLU A 115 -7.50 18.98 -21.44
C GLU A 115 -7.54 17.50 -21.82
N ALA A 116 -7.19 16.64 -20.87
CA ALA A 116 -7.18 15.20 -21.06
C ALA A 116 -8.56 14.65 -21.42
N ILE A 117 -9.62 15.35 -21.02
CA ILE A 117 -11.00 14.92 -21.30
C ILE A 117 -11.26 14.66 -22.78
N ALA A 118 -10.53 15.35 -23.66
CA ALA A 118 -10.67 15.22 -25.12
C ALA A 118 -10.42 13.80 -25.58
N GLU A 119 -9.56 13.09 -24.84
CA GLU A 119 -9.22 11.71 -25.13
C GLU A 119 -10.34 10.71 -24.80
N PHE A 120 -11.51 11.21 -24.38
CA PHE A 120 -12.67 10.34 -24.11
C PHE A 120 -13.04 9.56 -25.36
N ARG A 121 -12.73 10.12 -26.53
CA ARG A 121 -13.16 9.50 -27.78
C ARG A 121 -12.35 8.25 -28.19
N ASN A 122 -11.22 8.03 -27.52
CA ASN A 122 -10.43 6.81 -27.73
C ASN A 122 -11.23 5.54 -27.44
N ARG A 123 -11.96 5.53 -26.33
CA ARG A 123 -12.64 4.34 -25.81
C ARG A 123 -14.04 4.64 -25.25
N ASN A 124 -14.44 5.91 -25.27
CA ASN A 124 -15.68 6.36 -24.62
C ASN A 124 -15.64 6.12 -23.12
N ILE A 125 -14.44 6.21 -22.55
CA ILE A 125 -14.25 6.10 -21.11
C ILE A 125 -13.27 7.17 -20.63
N ILE A 126 -13.60 7.77 -19.49
CA ILE A 126 -12.70 8.65 -18.74
C ILE A 126 -12.62 8.06 -17.32
N ALA A 127 -11.42 7.97 -16.76
CA ALA A 127 -11.21 7.36 -15.45
C ALA A 127 -11.16 8.42 -14.37
N ASN A 128 -11.88 8.18 -13.26
CA ASN A 128 -11.88 9.06 -12.09
C ASN A 128 -10.76 8.56 -11.20
N PRO A 129 -9.84 9.45 -10.77
CA PRO A 129 -8.74 8.97 -9.91
C PRO A 129 -9.16 8.66 -8.48
N ASN A 130 -8.20 8.07 -7.74
CA ASN A 130 -8.34 7.81 -6.33
C ASN A 130 -8.48 9.14 -5.59
N CYS A 131 -9.37 9.20 -4.58
CA CYS A 131 -9.56 10.44 -3.79
C CYS A 131 -8.26 10.96 -3.19
N SER A 132 -7.39 10.05 -2.76
CA SER A 132 -6.04 10.41 -2.31
C SER A 132 -5.27 11.22 -3.36
N THR A 133 -5.31 10.76 -4.61
CA THR A 133 -4.62 11.42 -5.72
C THR A 133 -5.30 12.73 -6.11
N ILE A 134 -6.63 12.71 -6.14
CA ILE A 134 -7.41 13.94 -6.37
C ILE A 134 -7.02 15.03 -5.36
N GLN A 135 -7.13 14.72 -4.08
CA GLN A 135 -6.79 15.63 -2.97
C GLN A 135 -5.42 16.27 -3.18
N MET A 136 -4.40 15.43 -3.38
CA MET A 136 -3.02 15.87 -3.47
C MET A 136 -2.78 16.74 -4.70
N LEU A 137 -3.33 16.32 -5.84
CA LEU A 137 -3.10 16.99 -7.11
C LEU A 137 -3.75 18.38 -7.19
N VAL A 138 -4.93 18.52 -6.59
CA VAL A 138 -5.56 19.82 -6.46
C VAL A 138 -4.65 20.77 -5.66
N ALA A 139 -4.17 20.31 -4.51
CA ALA A 139 -3.29 21.11 -3.65
C ALA A 139 -1.94 21.46 -4.27
N LEU A 140 -1.37 20.54 -5.05
CA LEU A 140 -0.01 20.71 -5.58
C LEU A 140 0.10 21.48 -6.90
N LYS A 141 -0.96 21.43 -7.70
CA LYS A 141 -0.95 22.04 -9.03
C LYS A 141 -0.47 23.51 -9.07
N PRO A 142 -1.00 24.39 -8.18
CA PRO A 142 -0.48 25.77 -8.14
C PRO A 142 1.02 25.87 -7.86
N ILE A 143 1.54 24.99 -6.99
CA ILE A 143 2.98 24.93 -6.73
C ILE A 143 3.74 24.42 -7.96
N TYR A 144 3.23 23.35 -8.58
CA TYR A 144 3.82 22.81 -9.80
C TYR A 144 3.96 23.90 -10.86
N ASP A 145 2.85 24.60 -11.13
CA ASP A 145 2.80 25.69 -12.10
C ASP A 145 3.82 26.81 -11.83
N ALA A 146 3.92 27.24 -10.57
CA ALA A 146 4.79 28.36 -10.20
C ALA A 146 6.27 27.99 -10.29
N VAL A 147 6.65 26.87 -9.68
CA VAL A 147 8.08 26.56 -9.51
C VAL A 147 8.53 25.15 -9.93
N GLY A 148 7.59 24.33 -10.37
CA GLY A 148 7.90 22.96 -10.80
C GLY A 148 8.04 22.03 -9.61
N ILE A 149 7.92 20.73 -9.86
CA ILE A 149 8.09 19.73 -8.81
C ILE A 149 9.03 18.63 -9.29
N GLU A 150 10.09 18.41 -8.50
CA GLU A 150 11.10 17.41 -8.78
C GLU A 150 10.72 16.09 -8.11
N ARG A 151 10.36 16.18 -6.83
CA ARG A 151 10.04 15.01 -6.04
C ARG A 151 8.91 15.27 -5.05
N ILE A 152 7.97 14.33 -4.96
CA ILE A 152 6.91 14.36 -3.94
C ILE A 152 7.08 13.15 -3.02
N ASN A 153 7.19 13.41 -1.72
CA ASN A 153 7.05 12.38 -0.71
C ASN A 153 5.75 12.61 0.05
N VAL A 154 4.90 11.59 0.07
CA VAL A 154 3.55 11.74 0.61
C VAL A 154 3.17 10.54 1.47
N THR A 155 2.55 10.83 2.62
CA THR A 155 1.97 9.81 3.49
C THR A 155 0.45 10.01 3.54
N THR A 156 -0.31 8.95 3.24
CA THR A 156 -1.76 9.00 3.32
C THR A 156 -2.24 8.18 4.52
N TYR A 157 -3.37 8.57 5.07
CA TYR A 157 -3.89 7.96 6.28
C TYR A 157 -5.36 7.61 6.09
N GLN A 158 -5.69 6.35 6.33
CA GLN A 158 -7.07 5.88 6.30
C GLN A 158 -7.24 4.77 7.32
N SER A 159 -8.49 4.52 7.69
CA SER A 159 -8.84 3.51 8.70
C SER A 159 -8.41 2.12 8.25
N VAL A 160 -8.05 1.27 9.22
CA VAL A 160 -7.76 -0.13 8.91
C VAL A 160 -9.01 -0.90 8.47
N SER A 161 -10.17 -0.48 8.98
CA SER A 161 -11.44 -1.22 8.77
C SER A 161 -12.14 -0.96 7.43
N GLY A 162 -11.83 0.16 6.80
CA GLY A 162 -12.50 0.56 5.57
C GLY A 162 -13.69 1.47 5.79
N ALA A 163 -14.03 1.70 7.06
CA ALA A 163 -15.10 2.65 7.43
C ALA A 163 -14.52 4.06 7.61
N GLY A 164 -15.38 5.00 7.98
CA GLY A 164 -14.96 6.39 8.21
C GLY A 164 -14.94 7.26 6.97
N LYS A 165 -15.31 6.68 5.83
CA LYS A 165 -15.29 7.37 4.52
C LYS A 165 -16.23 8.58 4.44
N ALA A 166 -17.17 8.67 5.37
CA ALA A 166 -18.16 9.75 5.41
C ALA A 166 -17.80 10.83 6.43
N GLY A 167 -16.99 10.47 7.43
CA GLY A 167 -16.51 11.40 8.46
C GLY A 167 -17.56 12.05 9.35
N ILE A 168 -18.83 11.66 9.19
CA ILE A 168 -19.95 12.25 9.93
C ILE A 168 -20.80 11.14 10.59
N ASP A 169 -20.36 9.89 10.43
CA ASP A 169 -21.03 8.70 11.00
C ASP A 169 -22.47 8.55 10.52
N PRO A 199 -2.62 -4.43 2.12
CA PRO A 199 -1.27 -3.94 1.80
C PRO A 199 -0.36 -5.08 1.34
N GLN A 200 0.10 -5.00 0.11
CA GLN A 200 0.95 -6.04 -0.47
C GLN A 200 2.16 -5.39 -1.13
N ILE A 201 3.36 -5.85 -0.81
CA ILE A 201 4.58 -5.38 -1.48
C ILE A 201 4.47 -5.67 -2.98
N ASP A 202 4.78 -4.68 -3.80
CA ASP A 202 4.65 -4.82 -5.25
C ASP A 202 5.73 -5.78 -5.75
N GLN A 203 5.30 -6.95 -6.24
CA GLN A 203 6.20 -8.04 -6.61
C GLN A 203 6.96 -7.80 -7.92
N PHE A 204 6.48 -6.89 -8.75
CA PHE A 204 7.19 -6.52 -9.98
C PHE A 204 8.29 -5.50 -9.71
N MET A 205 7.93 -4.41 -9.03
CA MET A 205 8.85 -3.31 -8.78
C MET A 205 9.99 -3.77 -7.90
N ASP A 206 9.67 -4.66 -6.95
CA ASP A 206 10.62 -5.18 -5.95
C ASP A 206 11.42 -4.04 -5.31
N ASN A 207 10.72 -2.95 -4.97
CA ASN A 207 11.40 -1.76 -4.44
C ASN A 207 11.00 -1.39 -3.01
N GLY A 208 10.23 -2.26 -2.36
CA GLY A 208 9.79 -2.03 -0.99
C GLY A 208 8.47 -1.29 -0.89
N TYR A 209 8.03 -0.68 -1.98
CA TYR A 209 6.71 -0.04 -2.03
C TYR A 209 5.64 -1.06 -2.31
N THR A 210 4.47 -0.82 -1.74
CA THR A 210 3.30 -1.68 -1.93
C THR A 210 2.62 -1.43 -3.28
N LYS A 211 1.89 -2.44 -3.76
CA LYS A 211 1.23 -2.40 -5.07
C LYS A 211 0.42 -1.13 -5.21
N GLU A 212 -0.73 -0.47 -3.73
CA GLU A 212 -1.47 0.81 -3.54
C GLU A 212 -0.51 1.98 -3.73
N GLU A 213 0.69 1.89 -3.16
CA GLU A 213 1.65 3.00 -3.21
C GLU A 213 2.11 3.24 -4.63
N MET A 214 2.49 2.17 -5.34
CA MET A 214 2.90 2.29 -6.75
C MET A 214 1.77 2.86 -7.61
N LYS A 215 0.54 2.50 -7.28
CA LYS A 215 -0.61 3.00 -8.05
C LYS A 215 -0.73 4.51 -7.94
N MET A 216 -0.43 5.05 -6.76
CA MET A 216 -0.41 6.49 -6.54
C MET A 216 0.67 7.18 -7.38
N VAL A 217 1.85 6.56 -7.46
CA VAL A 217 2.91 7.06 -8.31
C VAL A 217 2.43 7.19 -9.74
N TRP A 218 1.83 6.11 -10.25
CA TRP A 218 1.42 6.03 -11.65
C TRP A 218 0.28 6.98 -11.95
N GLU A 219 -0.69 7.08 -11.04
CA GLU A 219 -1.75 8.10 -11.17
C GLU A 219 -1.20 9.53 -11.19
N THR A 220 -0.29 9.84 -10.27
CA THR A 220 0.29 11.18 -10.14
C THR A 220 1.07 11.62 -11.39
N GLN A 221 1.91 10.71 -11.89
CA GLN A 221 2.69 10.95 -13.10
C GLN A 221 1.83 11.11 -14.36
N LYS A 222 0.76 10.30 -14.45
CA LYS A 222 -0.21 10.39 -15.54
C LYS A 222 -0.95 11.74 -15.54
N ILE A 223 -1.50 12.12 -14.40
CA ILE A 223 -2.28 13.35 -14.31
C ILE A 223 -1.42 14.59 -14.63
N PHE A 224 -0.22 14.64 -14.05
CA PHE A 224 0.74 15.72 -14.37
C PHE A 224 1.28 15.58 -15.79
N ASN A 225 1.09 14.40 -16.39
CA ASN A 225 1.67 14.04 -17.69
C ASN A 225 3.19 14.28 -17.70
N ASP A 226 3.86 13.81 -16.65
CA ASP A 226 5.26 14.14 -16.44
C ASP A 226 5.98 12.95 -15.81
N PRO A 227 6.56 12.08 -16.65
CA PRO A 227 7.29 10.89 -16.20
C PRO A 227 8.53 11.19 -15.35
N SER A 228 8.98 12.45 -15.37
CA SER A 228 10.15 12.88 -14.61
C SER A 228 9.88 13.18 -13.13
N ILE A 229 8.62 13.46 -12.79
CA ILE A 229 8.27 13.68 -11.38
C ILE A 229 8.38 12.39 -10.60
N MET A 230 9.24 12.40 -9.60
CA MET A 230 9.34 11.25 -8.70
C MET A 230 8.34 11.38 -7.56
N VAL A 231 7.69 10.28 -7.24
CA VAL A 231 6.65 10.23 -6.23
C VAL A 231 6.97 9.07 -5.29
N ASN A 232 7.03 9.36 -4.00
CA ASN A 232 7.37 8.34 -3.00
C ASN A 232 6.30 8.29 -1.92
N PRO A 233 5.25 7.47 -2.15
CA PRO A 233 4.15 7.38 -1.19
C PRO A 233 4.33 6.35 -0.09
N THR A 234 3.75 6.66 1.07
CA THR A 234 3.61 5.71 2.16
C THR A 234 2.13 5.70 2.53
N CYS A 235 1.48 4.55 2.29
CA CYS A 235 0.05 4.44 2.51
C CYS A 235 -0.15 3.70 3.81
N VAL A 236 -0.59 4.44 4.83
CA VAL A 236 -0.61 3.98 6.21
C VAL A 236 -2.05 3.73 6.66
N ARG A 237 -2.25 2.61 7.37
CA ARG A 237 -3.56 2.35 7.95
C ARG A 237 -3.51 2.76 9.41
N VAL A 238 -4.53 3.50 9.84
CA VAL A 238 -4.61 3.89 11.25
C VAL A 238 -5.72 3.13 12.01
N PRO A 239 -5.43 2.69 13.26
CA PRO A 239 -6.38 1.90 14.05
C PRO A 239 -7.84 2.39 13.94
N VAL A 240 -8.09 3.67 14.21
CA VAL A 240 -9.43 4.25 14.04
C VAL A 240 -9.32 5.65 13.40
N PHE A 241 -10.10 5.91 12.34
CA PHE A 241 -9.97 7.15 11.57
C PHE A 241 -11.21 7.50 10.75
N TYR A 242 -11.74 8.70 10.96
CA TYR A 242 -12.88 9.25 10.21
C TYR A 242 -12.41 10.31 9.22
N GLY A 243 -12.58 10.03 7.93
CA GLY A 243 -12.11 10.90 6.87
C GLY A 243 -10.74 10.45 6.40
N HIS A 244 -10.09 11.30 5.62
CA HIS A 244 -8.82 10.95 5.00
C HIS A 244 -7.85 12.12 5.10
N ALA A 245 -6.58 11.81 5.32
CA ALA A 245 -5.56 12.85 5.42
C ALA A 245 -4.29 12.43 4.69
N GLU A 246 -3.52 13.43 4.27
CA GLU A 246 -2.22 13.24 3.63
C GLU A 246 -1.24 14.28 4.14
N ALA A 247 -0.01 13.85 4.42
CA ALA A 247 1.09 14.74 4.72
C ALA A 247 1.96 14.78 3.47
N VAL A 248 2.24 15.98 2.97
CA VAL A 248 2.92 16.12 1.67
C VAL A 248 4.20 16.93 1.81
N HIS A 249 5.30 16.35 1.34
CA HIS A 249 6.53 17.11 1.16
C HIS A 249 6.85 17.17 -0.34
N VAL A 250 7.13 18.38 -0.83
CA VAL A 250 7.53 18.56 -2.22
C VAL A 250 8.89 19.24 -2.36
N GLU A 251 9.71 18.68 -3.24
CA GLU A 251 10.97 19.26 -3.62
C GLU A 251 10.68 20.00 -4.93
N THR A 252 10.77 21.33 -4.88
CA THR A 252 10.44 22.16 -6.05
C THR A 252 11.68 22.42 -6.91
N ARG A 253 11.48 22.90 -8.14
CA ARG A 253 12.62 23.16 -9.03
C ARG A 253 13.18 24.58 -8.83
N ALA A 254 12.35 25.45 -8.23
CA ALA A 254 12.79 26.78 -7.81
C ALA A 254 12.30 27.04 -6.39
N PRO A 255 13.05 27.85 -5.61
CA PRO A 255 12.63 28.15 -4.24
C PRO A 255 11.30 28.88 -4.23
N ILE A 256 10.48 28.62 -3.23
CA ILE A 256 9.22 29.34 -3.03
C ILE A 256 8.87 29.44 -1.55
N ASP A 257 8.47 30.64 -1.12
CA ASP A 257 8.21 30.89 0.29
C ASP A 257 6.85 30.33 0.68
N ALA A 258 6.76 29.77 1.88
CA ALA A 258 5.51 29.25 2.42
C ALA A 258 4.38 30.28 2.32
N GLU A 259 4.72 31.55 2.57
CA GLU A 259 3.76 32.65 2.52
C GLU A 259 3.18 32.81 1.12
N GLN A 260 4.04 32.62 0.10
CA GLN A 260 3.60 32.73 -1.28
C GLN A 260 2.63 31.59 -1.62
N VAL A 261 3.02 30.35 -1.32
CA VAL A 261 2.11 29.24 -1.60
C VAL A 261 0.80 29.31 -0.81
N MET A 262 0.82 29.85 0.41
CA MET A 262 -0.43 30.06 1.15
C MET A 262 -1.35 31.05 0.44
N ASP A 263 -0.77 32.13 -0.10
CA ASP A 263 -1.53 33.10 -0.90
C ASP A 263 -2.15 32.44 -2.14
N MET A 264 -1.34 31.69 -2.89
CA MET A 264 -1.79 30.96 -4.08
C MET A 264 -2.96 30.03 -3.79
N LEU A 265 -2.81 29.22 -2.74
CA LEU A 265 -3.83 28.24 -2.36
C LEU A 265 -5.13 28.90 -1.93
N GLU A 266 -5.01 30.06 -1.30
CA GLU A 266 -6.16 30.84 -0.84
C GLU A 266 -6.97 31.36 -2.04
N GLN A 267 -6.29 31.59 -3.16
CA GLN A 267 -6.91 32.09 -4.38
C GLN A 267 -7.49 30.96 -5.23
N THR A 268 -6.91 29.77 -5.10
CA THR A 268 -7.23 28.61 -5.94
C THR A 268 -8.62 28.05 -5.61
N ASP A 269 -9.37 27.67 -6.66
CA ASP A 269 -10.74 27.17 -6.47
C ASP A 269 -10.76 25.71 -6.01
N GLY A 270 -11.69 25.40 -5.10
CA GLY A 270 -11.80 24.06 -4.55
C GLY A 270 -10.93 23.80 -3.32
N ILE A 271 -10.03 24.74 -3.02
CA ILE A 271 -9.15 24.63 -1.85
C ILE A 271 -9.61 25.54 -0.73
N GLU A 272 -9.75 24.99 0.47
CA GLU A 272 -9.87 25.83 1.67
C GLU A 272 -8.56 25.78 2.46
N LEU A 273 -7.90 26.93 2.55
CA LEU A 273 -6.68 27.05 3.34
C LEU A 273 -6.95 27.53 4.76
N PHE A 274 -6.39 26.79 5.72
CA PHE A 274 -6.45 27.14 7.14
C PHE A 274 -5.08 27.66 7.59
N ARG A 275 -5.03 28.93 7.97
CA ARG A 275 -3.78 29.57 8.37
C ARG A 275 -3.52 29.39 9.86
N GLY A 276 -4.53 28.94 10.58
CA GLY A 276 -4.42 28.75 12.02
C GLY A 276 -5.15 29.85 12.76
N ALA A 277 -5.56 29.55 13.99
CA ALA A 277 -6.33 30.48 14.81
C ALA A 277 -5.49 30.97 15.97
N ASP A 278 -5.60 32.26 16.27
CA ASP A 278 -5.02 32.82 17.49
C ASP A 278 -6.10 32.94 18.57
N PHE A 279 -7.36 32.95 18.12
CA PHE A 279 -8.53 33.11 18.99
C PHE A 279 -9.61 32.06 18.68
N PRO A 280 -10.41 31.66 19.68
CA PRO A 280 -11.48 30.67 19.46
C PRO A 280 -12.39 30.94 18.25
N THR A 281 -12.82 32.21 18.07
CA THR A 281 -13.71 32.59 16.97
C THR A 281 -13.11 32.40 15.58
N GLN A 282 -11.78 32.25 15.51
CA GLN A 282 -11.09 32.02 14.23
C GLN A 282 -11.03 30.53 13.80
N VAL A 283 -11.32 29.62 14.71
CA VAL A 283 -11.42 28.19 14.38
C VAL A 283 -12.63 27.97 13.48
N ARG A 284 -12.41 27.31 12.33
CA ARG A 284 -13.48 27.06 11.36
C ARG A 284 -13.79 25.57 11.24
N ASP A 285 -14.99 25.25 10.75
CA ASP A 285 -15.35 23.87 10.45
C ASP A 285 -14.96 23.55 9.01
N ALA A 286 -15.21 22.31 8.58
CA ALA A 286 -14.88 21.86 7.22
C ALA A 286 -15.38 22.80 6.11
N GLY A 287 -16.54 23.41 6.33
CA GLY A 287 -17.06 24.45 5.45
C GLY A 287 -17.68 23.96 4.15
N GLY A 288 -16.85 23.38 3.29
CA GLY A 288 -17.29 22.95 1.97
C GLY A 288 -17.89 21.56 1.94
N LYS A 289 -18.66 21.29 0.88
CA LYS A 289 -19.21 19.97 0.63
C LYS A 289 -18.08 19.02 0.21
N ASP A 290 -17.52 19.28 -0.97
CA ASP A 290 -16.34 18.57 -1.44
C ASP A 290 -15.26 19.60 -1.77
N HIS A 291 -14.49 19.97 -0.75
CA HIS A 291 -13.38 20.89 -0.89
C HIS A 291 -12.10 20.25 -0.36
N VAL A 292 -10.98 20.69 -0.90
CA VAL A 292 -9.67 20.22 -0.49
C VAL A 292 -9.19 21.13 0.65
N LEU A 293 -9.14 20.56 1.86
CA LEU A 293 -8.79 21.30 3.07
C LEU A 293 -7.27 21.22 3.29
N VAL A 294 -6.62 22.38 3.28
CA VAL A 294 -5.14 22.45 3.36
C VAL A 294 -4.70 23.24 4.61
N GLY A 295 -3.66 22.75 5.28
CA GLY A 295 -3.09 23.43 6.46
C GLY A 295 -1.65 23.05 6.74
N ARG A 296 -1.10 23.58 7.83
CA ARG A 296 0.29 23.32 8.26
C ARG A 296 1.27 23.55 7.10
N VAL A 297 1.05 24.63 6.35
CA VAL A 297 1.90 25.00 5.20
C VAL A 297 3.18 25.72 5.61
N ARG A 298 4.34 25.12 5.31
CA ARG A 298 5.62 25.64 5.76
C ARG A 298 6.80 25.11 4.94
N ASN A 299 7.87 25.90 4.84
CA ASN A 299 9.08 25.45 4.17
C ASN A 299 9.85 24.49 5.05
N ASP A 300 10.73 23.69 4.43
CA ASP A 300 11.79 23.06 5.18
C ASP A 300 12.64 24.21 5.69
N ILE A 301 13.15 24.09 6.91
CA ILE A 301 13.97 25.13 7.54
C ILE A 301 15.27 25.32 6.74
N SER A 302 15.52 26.56 6.32
CA SER A 302 16.68 26.94 5.49
C SER A 302 16.74 26.24 4.12
N HIS A 303 15.59 25.69 3.70
CA HIS A 303 15.50 24.97 2.44
C HIS A 303 14.16 25.29 1.79
N HIS A 304 14.10 26.43 1.11
CA HIS A 304 12.86 26.95 0.55
C HIS A 304 12.43 26.34 -0.77
N SER A 305 13.28 25.45 -1.32
CA SER A 305 12.81 24.56 -2.39
C SER A 305 12.20 23.27 -1.80
N GLY A 306 12.01 23.27 -0.49
CA GLY A 306 11.23 22.25 0.19
C GLY A 306 9.98 22.87 0.79
N ILE A 307 8.82 22.34 0.39
CA ILE A 307 7.52 22.82 0.91
C ILE A 307 6.74 21.65 1.51
N ASN A 308 6.12 21.92 2.65
CA ASN A 308 5.35 20.95 3.41
C ASN A 308 3.92 21.44 3.60
N LEU A 309 2.96 20.53 3.52
CA LEU A 309 1.55 20.83 3.76
C LEU A 309 0.82 19.54 4.08
N TRP A 310 -0.32 19.67 4.76
CA TRP A 310 -1.24 18.57 4.99
C TRP A 310 -2.55 18.85 4.29
N VAL A 311 -3.16 17.79 3.76
CA VAL A 311 -4.36 17.90 2.95
C VAL A 311 -5.36 16.93 3.52
N VAL A 312 -6.58 17.40 3.76
CA VAL A 312 -7.63 16.59 4.39
C VAL A 312 -8.89 16.58 3.52
N ALA A 313 -9.55 15.42 3.48
CA ALA A 313 -10.92 15.30 3.01
C ALA A 313 -11.74 14.71 4.14
N ASP A 314 -12.77 15.45 4.56
CA ASP A 314 -13.68 14.96 5.58
C ASP A 314 -14.61 13.91 4.99
N ASN A 315 -15.35 14.28 3.94
CA ASN A 315 -16.19 13.32 3.23
C ASN A 315 -15.51 12.81 1.96
N VAL A 316 -14.88 11.64 2.08
CA VAL A 316 -14.11 11.04 1.00
C VAL A 316 -14.96 10.71 -0.22
N ARG A 317 -16.16 10.20 0.02
CA ARG A 317 -17.10 9.84 -1.04
C ARG A 317 -17.53 11.06 -1.87
N LYS A 318 -17.77 12.19 -1.19
CA LYS A 318 -18.23 13.42 -1.84
C LYS A 318 -17.14 14.03 -2.71
N GLY A 319 -15.88 13.85 -2.30
CA GLY A 319 -14.75 14.28 -3.11
C GLY A 319 -14.67 13.52 -4.43
N ALA A 320 -14.75 12.19 -4.32
CA ALA A 320 -14.77 11.30 -5.49
C ALA A 320 -15.96 11.60 -6.42
N ALA A 321 -17.14 11.73 -5.83
CA ALA A 321 -18.37 11.94 -6.58
C ALA A 321 -18.34 13.28 -7.31
N THR A 322 -17.88 14.32 -6.60
CA THR A 322 -17.76 15.67 -7.15
C THR A 322 -16.75 15.74 -8.31
N ASN A 323 -15.61 15.06 -8.17
CA ASN A 323 -14.64 15.06 -9.26
C ASN A 323 -15.25 14.50 -10.55
N ALA A 324 -15.98 13.39 -10.39
CA ALA A 324 -16.70 12.72 -11.47
C ALA A 324 -17.73 13.62 -12.15
N VAL A 325 -18.50 14.34 -11.35
CA VAL A 325 -19.49 15.28 -11.90
C VAL A 325 -18.81 16.47 -12.61
N GLN A 326 -17.72 16.99 -12.05
CA GLN A 326 -16.95 18.06 -12.71
C GLN A 326 -16.40 17.63 -14.07
N ILE A 327 -15.99 16.37 -14.17
CA ILE A 327 -15.60 15.79 -15.46
C ILE A 327 -16.77 15.87 -16.43
N ALA A 328 -17.95 15.42 -15.99
CA ALA A 328 -19.16 15.41 -16.82
C ALA A 328 -19.58 16.81 -17.27
N GLU A 329 -19.40 17.78 -16.38
CA GLU A 329 -19.73 19.17 -16.66
C GLU A 329 -18.89 19.67 -17.81
N LEU A 330 -17.58 19.42 -17.75
CA LEU A 330 -16.67 19.85 -18.81
C LEU A 330 -16.87 19.09 -20.11
N LEU A 331 -17.16 17.80 -19.99
CA LEU A 331 -17.43 16.94 -21.12
C LEU A 331 -18.62 17.50 -21.92
N VAL A 332 -19.71 17.74 -21.22
CA VAL A 332 -20.95 18.31 -21.74
C VAL A 332 -20.77 19.70 -22.37
N ARG A 333 -19.96 20.53 -21.72
CA ARG A 333 -19.73 21.91 -22.13
C ARG A 333 -18.99 21.98 -23.47
N ASP A 334 -17.88 21.25 -23.58
CA ASP A 334 -16.93 21.42 -24.68
C ASP A 334 -17.00 20.35 -25.77
N TYR A 335 -17.70 19.24 -25.52
CA TYR A 335 -17.70 18.12 -26.46
C TYR A 335 -19.09 17.63 -26.90
N PHE A 336 -20.13 18.17 -26.29
CA PHE A 336 -21.51 17.82 -26.68
C PHE A 336 -22.27 18.98 -27.33
N GLN B 2 32.41 -1.26 43.70
CA GLN B 2 32.02 0.07 44.25
C GLN B 2 30.52 0.30 44.03
N GLN B 3 29.84 0.78 45.07
CA GLN B 3 28.42 1.12 45.02
C GLN B 3 28.20 2.62 45.24
N PHE B 4 27.11 3.17 44.68
CA PHE B 4 26.89 4.63 44.64
C PHE B 4 25.54 5.02 45.21
N ASN B 5 25.50 6.14 45.92
CA ASN B 5 24.25 6.70 46.41
C ASN B 5 23.55 7.46 45.29
N VAL B 6 22.31 7.07 45.04
CA VAL B 6 21.50 7.63 43.96
C VAL B 6 20.20 8.23 44.50
N ALA B 7 19.86 9.43 44.02
CA ALA B 7 18.57 10.03 44.32
C ALA B 7 17.70 10.08 43.08
N ILE B 8 16.39 9.90 43.25
CA ILE B 8 15.42 10.20 42.21
C ILE B 8 14.53 11.34 42.72
N PHE B 9 14.57 12.47 42.01
CA PHE B 9 13.71 13.60 42.34
C PHE B 9 12.54 13.61 41.39
N GLY B 10 11.33 13.58 41.96
CA GLY B 10 10.11 13.35 41.18
C GLY B 10 9.72 11.88 41.26
N ALA B 11 9.98 11.27 42.42
CA ALA B 11 9.88 9.82 42.60
C ALA B 11 8.47 9.27 42.40
N THR B 12 7.45 10.08 42.75
CA THR B 12 6.05 9.66 42.65
C THR B 12 5.40 9.91 41.28
N GLY B 13 6.13 10.58 40.39
CA GLY B 13 5.66 10.77 39.02
C GLY B 13 5.93 9.52 38.21
N ALA B 14 5.30 9.42 37.04
CA ALA B 14 5.40 8.21 36.23
C ALA B 14 6.81 7.94 35.72
N VAL B 15 7.49 8.97 35.22
CA VAL B 15 8.90 8.81 34.82
C VAL B 15 9.77 8.41 36.01
N GLY B 16 9.62 9.10 37.14
CA GLY B 16 10.35 8.75 38.37
C GLY B 16 10.23 7.28 38.75
N GLU B 17 9.01 6.73 38.66
CA GLU B 17 8.74 5.31 38.94
C GLU B 17 9.41 4.39 37.91
N THR B 18 9.37 4.81 36.65
CA THR B 18 10.03 4.09 35.56
C THR B 18 11.55 4.06 35.76
N MET B 19 12.12 5.16 36.25
CA MET B 19 13.55 5.23 36.56
C MET B 19 13.93 4.24 37.67
N LEU B 20 13.11 4.17 38.72
CA LEU B 20 13.29 3.17 39.77
C LEU B 20 13.33 1.77 39.12
N GLU B 21 12.35 1.49 38.29
CA GLU B 21 12.23 0.16 37.67
C GLU B 21 13.44 -0.17 36.78
N VAL B 22 13.93 0.83 36.04
CA VAL B 22 15.07 0.61 35.15
C VAL B 22 16.38 0.41 35.94
N LEU B 23 16.57 1.19 37.00
CA LEU B 23 17.72 1.01 37.89
C LEU B 23 17.80 -0.43 38.44
N GLN B 24 16.64 -0.97 38.82
CA GLN B 24 16.53 -2.34 39.31
C GLN B 24 16.77 -3.36 38.20
N GLU B 25 16.08 -3.19 37.07
CA GLU B 25 16.19 -4.13 35.95
C GLU B 25 17.59 -4.20 35.36
N ARG B 26 18.31 -3.08 35.39
CA ARG B 26 19.66 -3.01 34.85
C ARG B 26 20.75 -3.33 35.89
N GLU B 27 20.34 -3.66 37.11
CA GLU B 27 21.26 -3.97 38.21
C GLU B 27 22.30 -2.87 38.47
N PHE B 28 21.84 -1.62 38.49
CA PHE B 28 22.74 -0.51 38.75
C PHE B 28 23.35 -0.67 40.16
N PRO B 29 24.67 -0.41 40.31
CA PRO B 29 25.34 -0.53 41.61
C PRO B 29 24.93 0.53 42.64
N VAL B 30 23.71 0.38 43.17
CA VAL B 30 23.19 1.35 44.13
C VAL B 30 23.53 0.93 45.54
N ASP B 31 24.23 1.82 46.25
CA ASP B 31 24.37 1.73 47.69
C ASP B 31 23.01 2.09 48.30
N GLU B 32 22.79 3.37 48.57
CA GLU B 32 21.48 3.86 49.04
C GLU B 32 20.70 4.56 47.93
N LEU B 33 19.43 4.19 47.79
CA LEU B 33 18.50 4.91 46.92
C LEU B 33 17.65 5.87 47.76
N PHE B 34 17.69 7.15 47.40
CA PHE B 34 16.85 8.17 48.03
C PHE B 34 15.77 8.59 47.04
N LEU B 35 14.52 8.64 47.52
CA LEU B 35 13.39 9.04 46.68
C LEU B 35 12.86 10.38 47.22
N LEU B 36 12.79 11.37 46.34
CA LEU B 36 12.46 12.73 46.74
C LEU B 36 11.24 13.25 46.03
N ALA B 37 10.41 13.98 46.76
CA ALA B 37 9.25 14.68 46.21
C ALA B 37 8.91 15.86 47.11
N SER B 38 7.71 16.42 46.94
CA SER B 38 7.24 17.50 47.82
C SER B 38 6.70 16.96 49.16
N GLU B 39 6.34 17.88 50.05
CA GLU B 39 5.78 17.56 51.37
C GLU B 39 4.67 16.52 51.32
N ARG B 40 3.78 16.65 50.32
CA ARG B 40 2.56 15.87 50.22
C ARG B 40 2.78 14.36 50.01
N SER B 41 3.84 14.02 49.28
CA SER B 41 4.12 12.63 48.90
C SER B 41 5.04 11.91 49.90
N GLU B 42 5.46 12.62 50.95
CA GLU B 42 6.33 12.08 51.98
C GLU B 42 5.64 10.94 52.74
N GLY B 43 6.36 9.83 52.92
CA GLY B 43 5.80 8.67 53.61
C GLY B 43 5.33 7.54 52.69
N LYS B 44 5.10 7.86 51.42
CA LYS B 44 4.80 6.84 50.41
C LYS B 44 5.99 5.89 50.27
N THR B 45 5.69 4.62 49.98
CA THR B 45 6.73 3.59 49.86
C THR B 45 6.75 2.94 48.50
N TYR B 46 7.96 2.57 48.08
CA TYR B 46 8.20 1.79 46.87
C TYR B 46 9.12 0.65 47.20
N ARG B 47 9.06 -0.41 46.40
CA ARG B 47 10.01 -1.52 46.48
C ARG B 47 11.15 -1.30 45.49
N PHE B 48 12.38 -1.49 45.96
CA PHE B 48 13.57 -1.42 45.12
C PHE B 48 14.63 -2.40 45.60
N ASN B 49 15.12 -3.24 44.68
CA ASN B 49 16.15 -4.23 44.99
C ASN B 49 15.87 -5.06 46.25
N GLY B 50 14.61 -5.37 46.46
CA GLY B 50 14.20 -6.20 47.59
C GLY B 50 14.13 -5.44 48.90
N LYS B 51 13.96 -4.12 48.81
CA LYS B 51 13.89 -3.23 49.97
C LYS B 51 12.72 -2.27 49.86
N THR B 52 12.23 -1.81 51.00
CA THR B 52 11.21 -0.79 51.07
C THR B 52 11.90 0.56 51.25
N VAL B 53 11.65 1.47 50.32
CA VAL B 53 12.25 2.81 50.34
C VAL B 53 11.13 3.84 50.50
N ARG B 54 11.31 4.76 51.45
CA ARG B 54 10.30 5.78 51.75
C ARG B 54 10.61 7.10 51.01
N VAL B 55 9.58 7.67 50.40
CA VAL B 55 9.69 9.01 49.78
C VAL B 55 9.85 10.08 50.86
N GLN B 56 10.79 11.00 50.65
CA GLN B 56 11.01 12.10 51.59
C GLN B 56 10.95 13.47 50.90
N ASN B 57 10.80 14.50 51.72
CA ASN B 57 10.70 15.88 51.28
C ASN B 57 12.06 16.42 50.82
N VAL B 58 12.06 16.99 49.62
CA VAL B 58 13.28 17.58 49.04
C VAL B 58 13.80 18.80 49.84
N GLU B 59 12.89 19.52 50.48
CA GLU B 59 13.25 20.73 51.24
C GLU B 59 14.14 20.44 52.44
N GLU B 60 14.02 19.22 52.99
CA GLU B 60 14.75 18.82 54.20
C GLU B 60 15.93 17.88 53.88
N PHE B 61 16.15 17.61 52.58
CA PHE B 61 17.12 16.62 52.14
C PHE B 61 18.56 17.14 52.10
N ASP B 62 19.48 16.37 52.69
CA ASP B 62 20.91 16.65 52.61
C ASP B 62 21.49 16.02 51.35
N TRP B 63 21.79 16.85 50.34
CA TRP B 63 22.28 16.38 49.06
C TRP B 63 23.69 15.80 49.10
N SER B 64 24.47 16.12 50.14
CA SER B 64 25.86 15.66 50.24
C SER B 64 25.98 14.14 50.36
N GLN B 65 24.84 13.50 50.58
CA GLN B 65 24.76 12.04 50.66
C GLN B 65 24.91 11.35 49.30
N VAL B 66 24.53 12.05 48.22
CA VAL B 66 24.34 11.38 46.93
C VAL B 66 25.45 11.64 45.90
N HIS B 67 25.79 10.60 45.13
CA HIS B 67 26.71 10.70 44.01
C HIS B 67 26.02 11.15 42.72
N ILE B 68 24.87 10.57 42.44
CA ILE B 68 24.13 10.82 41.20
C ILE B 68 22.66 11.03 41.51
N ALA B 69 22.05 12.02 40.85
CA ALA B 69 20.60 12.19 40.96
C ALA B 69 19.94 12.20 39.59
N LEU B 70 18.78 11.57 39.53
CA LEU B 70 17.97 11.53 38.33
C LEU B 70 16.73 12.38 38.57
N PHE B 71 16.57 13.41 37.77
CA PHE B 71 15.51 14.38 37.97
C PHE B 71 14.40 14.21 36.94
N SER B 72 13.16 14.18 37.41
CA SER B 72 12.03 14.22 36.46
C SER B 72 10.75 14.72 37.13
N ALA B 73 10.85 15.94 37.68
CA ALA B 73 9.74 16.60 38.39
C ALA B 73 9.25 17.89 37.71
N GLY B 74 9.59 18.07 36.43
CA GLY B 74 9.19 19.28 35.70
C GLY B 74 10.28 20.34 35.61
N GLY B 75 10.25 21.14 34.56
CA GLY B 75 11.33 22.10 34.25
C GLY B 75 11.68 23.11 35.34
N GLU B 76 10.68 23.69 35.99
CA GLU B 76 10.94 24.74 36.98
C GLU B 76 11.61 24.17 38.22
N LEU B 77 11.30 22.92 38.54
CA LEU B 77 11.87 22.29 39.72
C LEU B 77 13.30 21.84 39.48
N SER B 78 13.60 21.49 38.24
CA SER B 78 15.00 21.19 37.87
C SER B 78 15.79 22.49 37.91
N ALA B 79 15.16 23.57 37.43
CA ALA B 79 15.79 24.89 37.44
C ALA B 79 16.12 25.27 38.87
N LYS B 80 15.23 24.92 39.79
CA LYS B 80 15.46 25.23 41.21
C LYS B 80 16.50 24.30 41.85
N TRP B 81 16.29 23.00 41.71
CA TRP B 81 17.05 22.01 42.50
C TRP B 81 18.37 21.54 41.92
N ALA B 82 18.52 21.56 40.60
CA ALA B 82 19.76 21.05 40.00
C ALA B 82 20.99 21.85 40.44
N PRO B 83 20.93 23.19 40.36
CA PRO B 83 22.10 23.94 40.84
C PRO B 83 22.39 23.73 42.33
N ILE B 84 21.36 23.44 43.11
CA ILE B 84 21.52 23.15 44.55
C ILE B 84 22.22 21.81 44.77
N ALA B 85 21.73 20.77 44.08
CA ALA B 85 22.35 19.45 44.13
C ALA B 85 23.79 19.48 43.60
N ALA B 86 23.99 20.13 42.45
CA ALA B 86 25.30 20.26 41.83
C ALA B 86 26.33 20.92 42.75
N GLU B 87 25.90 21.95 43.47
CA GLU B 87 26.75 22.68 44.41
C GLU B 87 27.20 21.77 45.54
N ALA B 88 26.33 20.85 45.92
CA ALA B 88 26.60 19.87 46.97
C ALA B 88 27.47 18.71 46.48
N GLY B 89 27.87 18.76 45.20
CA GLY B 89 28.76 17.74 44.60
C GLY B 89 28.05 16.58 43.91
N VAL B 90 26.73 16.69 43.74
CA VAL B 90 25.94 15.67 43.05
C VAL B 90 26.03 15.87 41.54
N VAL B 91 26.18 14.79 40.78
CA VAL B 91 26.00 14.86 39.34
C VAL B 91 24.52 14.63 39.01
N VAL B 92 23.89 15.66 38.46
CA VAL B 92 22.46 15.60 38.14
C VAL B 92 22.26 15.20 36.69
N ILE B 93 21.45 14.16 36.47
CA ILE B 93 21.01 13.83 35.12
C ILE B 93 19.56 14.24 35.04
N ASP B 94 19.29 15.30 34.26
CA ASP B 94 17.97 15.92 34.25
C ASP B 94 17.13 15.44 33.06
N ASN B 95 15.95 14.86 33.36
CA ASN B 95 15.05 14.38 32.30
C ASN B 95 14.22 15.46 31.60
N THR B 96 14.15 16.65 32.18
CA THR B 96 13.35 17.73 31.58
C THR B 96 14.07 18.41 30.41
N SER B 97 13.33 19.26 29.71
CA SER B 97 13.92 20.04 28.62
C SER B 97 14.75 21.23 29.11
N HIS B 98 14.75 21.49 30.42
CA HIS B 98 15.20 22.80 30.90
C HIS B 98 16.64 23.16 30.55
N PHE B 99 17.56 22.21 30.74
CA PHE B 99 19.00 22.46 30.55
C PHE B 99 19.55 21.99 29.19
N ARG B 100 18.69 21.41 28.36
CA ARG B 100 19.12 20.72 27.12
C ARG B 100 19.88 21.59 26.13
N TYR B 101 19.54 22.88 26.09
CA TYR B 101 19.97 23.81 25.04
C TYR B 101 21.10 24.72 25.50
N ASP B 102 21.50 24.59 26.78
CA ASP B 102 22.63 25.34 27.36
C ASP B 102 23.96 24.86 26.80
N TYR B 103 24.78 25.79 26.34
CA TYR B 103 26.01 25.45 25.64
C TYR B 103 26.97 24.62 26.51
N ASP B 104 26.94 24.88 27.81
CA ASP B 104 27.86 24.24 28.74
C ASP B 104 27.31 22.95 29.39
N ILE B 105 26.16 22.48 28.92
CA ILE B 105 25.58 21.25 29.46
C ILE B 105 25.48 20.24 28.33
N PRO B 106 26.01 19.02 28.54
CA PRO B 106 25.93 18.04 27.46
C PRO B 106 24.52 17.42 27.37
N LEU B 107 24.09 17.12 26.15
CA LEU B 107 22.84 16.43 25.88
C LEU B 107 23.17 15.08 25.24
N VAL B 108 22.93 14.00 25.99
CA VAL B 108 23.59 12.73 25.70
C VAL B 108 22.63 11.57 25.35
N VAL B 109 22.94 10.94 24.21
CA VAL B 109 22.41 9.62 23.86
C VAL B 109 23.64 8.73 23.79
N PRO B 110 23.82 7.82 24.77
CA PRO B 110 25.01 6.97 24.82
C PRO B 110 25.41 6.21 23.54
N GLU B 111 24.43 5.84 22.71
CA GLU B 111 24.71 5.19 21.41
C GLU B 111 25.31 6.17 20.40
N VAL B 112 25.14 7.46 20.65
CA VAL B 112 25.49 8.45 19.65
C VAL B 112 26.67 9.30 20.10
N ASN B 113 26.55 9.98 21.23
CA ASN B 113 27.58 10.92 21.67
C ASN B 113 28.08 10.72 23.09
N PRO B 114 28.54 9.49 23.45
CA PRO B 114 28.97 9.28 24.83
C PRO B 114 30.13 10.19 25.27
N GLU B 115 30.92 10.68 24.31
CA GLU B 115 32.04 11.61 24.58
C GLU B 115 31.58 12.85 25.32
N ALA B 116 30.35 13.29 25.05
CA ALA B 116 29.86 14.58 25.58
C ALA B 116 29.67 14.56 27.09
N ILE B 117 29.58 13.36 27.67
CA ILE B 117 29.44 13.20 29.11
C ILE B 117 30.56 13.93 29.86
N ALA B 118 31.74 13.99 29.25
CA ALA B 118 32.88 14.73 29.79
C ALA B 118 32.52 16.13 30.28
N GLU B 119 31.59 16.78 29.60
CA GLU B 119 31.21 18.16 29.93
C GLU B 119 30.36 18.28 31.20
N PHE B 120 30.10 17.17 31.88
CA PHE B 120 29.40 17.23 33.18
C PHE B 120 30.18 18.06 34.18
N ARG B 121 31.50 18.13 34.03
CA ARG B 121 32.33 18.86 34.99
C ARG B 121 32.05 20.38 34.97
N ASN B 122 31.42 20.87 33.90
CA ASN B 122 31.08 22.30 33.80
C ASN B 122 30.21 22.79 34.94
N ARG B 123 29.10 22.08 35.20
CA ARG B 123 28.10 22.51 36.17
C ARG B 123 27.46 21.35 36.95
N ASN B 124 28.06 20.16 36.84
CA ASN B 124 27.56 18.91 37.45
C ASN B 124 26.14 18.55 37.00
N ILE B 125 25.83 18.89 35.75
CA ILE B 125 24.53 18.61 35.16
C ILE B 125 24.71 18.02 33.78
N ILE B 126 23.95 16.95 33.50
CA ILE B 126 23.84 16.32 32.19
C ILE B 126 22.35 16.35 31.83
N ALA B 127 22.04 16.67 30.58
CA ALA B 127 20.66 16.71 30.13
C ALA B 127 20.28 15.45 29.36
N ASN B 128 19.16 14.85 29.74
CA ASN B 128 18.56 13.73 29.02
C ASN B 128 17.63 14.27 27.92
N PRO B 129 17.83 13.81 26.66
CA PRO B 129 17.00 14.30 25.55
C PRO B 129 15.54 13.83 25.63
N ASN B 130 14.70 14.46 24.81
CA ASN B 130 13.31 14.09 24.69
C ASN B 130 13.21 12.66 24.23
N CYS B 131 12.26 11.91 24.78
CA CYS B 131 12.07 10.50 24.44
C CYS B 131 11.98 10.23 22.92
N SER B 132 11.32 11.13 22.18
CA SER B 132 11.20 10.99 20.71
C SER B 132 12.50 11.22 19.94
N THR B 133 13.31 12.15 20.42
CA THR B 133 14.63 12.40 19.85
C THR B 133 15.55 11.18 20.06
N ILE B 134 15.52 10.60 21.26
CA ILE B 134 16.30 9.40 21.58
C ILE B 134 15.98 8.29 20.57
N GLN B 135 14.70 7.93 20.51
CA GLN B 135 14.13 6.95 19.57
C GLN B 135 14.64 7.13 18.13
N MET B 136 14.58 8.36 17.63
CA MET B 136 14.98 8.63 16.26
C MET B 136 16.49 8.49 16.07
N LEU B 137 17.26 8.97 17.02
CA LEU B 137 18.71 9.07 16.83
C LEU B 137 19.44 7.73 16.89
N VAL B 138 18.91 6.79 17.67
CA VAL B 138 19.46 5.44 17.71
C VAL B 138 19.30 4.74 16.35
N ALA B 139 18.17 5.01 15.69
CA ALA B 139 17.88 4.45 14.36
C ALA B 139 18.72 5.08 13.27
N LEU B 140 18.97 6.39 13.39
CA LEU B 140 19.71 7.11 12.35
C LEU B 140 21.24 7.05 12.45
N LYS B 141 21.76 6.67 13.62
CA LYS B 141 23.20 6.69 13.87
C LYS B 141 24.01 5.84 12.86
N PRO B 142 23.66 4.56 12.69
CA PRO B 142 24.40 3.78 11.68
C PRO B 142 24.39 4.43 10.30
N ILE B 143 23.24 4.96 9.87
CA ILE B 143 23.14 5.66 8.59
C ILE B 143 24.06 6.87 8.56
N TYR B 144 24.08 7.62 9.67
CA TYR B 144 24.91 8.82 9.77
C TYR B 144 26.40 8.47 9.60
N ASP B 145 26.83 7.42 10.30
CA ASP B 145 28.22 6.95 10.28
C ASP B 145 28.68 6.50 8.90
N ALA B 146 27.88 5.65 8.27
CA ALA B 146 28.12 5.13 6.92
C ALA B 146 28.19 6.20 5.82
N VAL B 147 27.11 6.98 5.65
CA VAL B 147 27.01 7.91 4.51
C VAL B 147 26.71 9.38 4.87
N GLY B 148 26.52 9.68 6.14
CA GLY B 148 26.23 11.05 6.56
C GLY B 148 24.77 11.40 6.33
N ILE B 149 24.34 12.51 6.91
CA ILE B 149 22.96 12.98 6.76
C ILE B 149 22.93 14.47 6.52
N GLU B 150 22.29 14.85 5.41
CA GLU B 150 22.15 16.25 5.01
C GLU B 150 20.85 16.86 5.58
N ARG B 151 19.78 16.07 5.58
CA ARG B 151 18.46 16.58 5.98
C ARG B 151 17.58 15.46 6.54
N ILE B 152 16.92 15.74 7.67
CA ILE B 152 15.96 14.82 8.28
C ILE B 152 14.57 15.45 8.27
N ASN B 153 13.60 14.74 7.70
CA ASN B 153 12.19 15.12 7.87
C ASN B 153 11.50 14.02 8.63
N VAL B 154 10.97 14.37 9.81
CA VAL B 154 10.39 13.38 10.71
C VAL B 154 9.00 13.80 11.19
N THR B 155 8.09 12.82 11.26
CA THR B 155 6.79 13.02 11.91
C THR B 155 6.68 12.11 13.13
N THR B 156 6.39 12.68 14.30
CA THR B 156 6.18 11.90 15.50
C THR B 156 4.68 11.85 15.81
N TYR B 157 4.20 10.72 16.31
CA TYR B 157 2.79 10.48 16.57
C TYR B 157 2.58 10.07 18.00
N GLN B 158 1.53 10.59 18.62
CA GLN B 158 1.15 10.14 19.96
C GLN B 158 0.58 8.73 19.91
N SER B 159 0.63 8.04 21.04
CA SER B 159 0.12 6.67 21.13
C SER B 159 -1.35 6.64 21.53
N VAL B 160 -2.08 5.63 21.06
CA VAL B 160 -3.41 5.35 21.58
C VAL B 160 -3.33 4.38 22.78
N GLU B 185 -17.21 15.65 23.50
CA GLU B 185 -16.27 14.85 22.73
C GLU B 185 -14.93 14.70 23.46
N THR B 186 -14.60 13.44 23.77
CA THR B 186 -13.32 13.08 24.41
C THR B 186 -12.13 13.31 23.46
N ASN B 187 -10.92 13.31 24.02
CA ASN B 187 -9.69 13.34 23.23
C ASN B 187 -9.55 12.07 22.38
N THR B 188 -10.00 10.95 22.94
CA THR B 188 -9.99 9.64 22.27
C THR B 188 -10.72 9.68 20.92
N PHE B 189 -11.90 10.28 20.90
CA PHE B 189 -12.67 10.41 19.67
C PHE B 189 -12.05 11.46 18.73
N SER B 190 -11.66 12.62 19.27
CA SER B 190 -11.03 13.67 18.48
C SER B 190 -9.78 13.17 17.74
N GLN B 191 -9.01 12.32 18.41
CA GLN B 191 -7.81 11.73 17.82
C GLN B 191 -8.09 10.79 16.64
N GLN B 192 -9.37 10.49 16.42
CA GLN B 192 -9.83 9.64 15.33
C GLN B 192 -10.44 10.45 14.18
N ILE B 193 -10.45 11.78 14.28
CA ILE B 193 -11.04 12.61 13.23
C ILE B 193 -9.95 13.26 12.34
N ALA B 194 -10.02 12.98 11.03
CA ALA B 194 -9.01 13.43 10.08
C ALA B 194 -8.89 14.95 10.00
N PHE B 195 -9.99 15.65 10.26
CA PHE B 195 -10.03 17.12 10.16
C PHE B 195 -9.08 17.77 11.18
N ASN B 196 -8.79 17.04 12.26
CA ASN B 196 -7.87 17.51 13.30
C ASN B 196 -6.39 17.47 12.88
N CYS B 197 -6.09 16.84 11.73
CA CYS B 197 -4.75 16.90 11.13
C CYS B 197 -4.47 18.29 10.54
N ILE B 198 -5.52 19.11 10.41
CA ILE B 198 -5.36 20.55 10.17
C ILE B 198 -5.25 21.22 11.56
N PRO B 199 -4.04 21.70 11.92
CA PRO B 199 -3.69 22.08 13.29
C PRO B 199 -4.05 23.51 13.67
N GLN B 200 -5.35 23.83 13.59
CA GLN B 200 -5.85 25.19 13.74
C GLN B 200 -5.50 25.88 15.08
N ILE B 201 -5.31 25.09 16.14
CA ILE B 201 -5.19 25.63 17.50
C ILE B 201 -3.81 25.42 18.15
N ASP B 202 -2.83 24.98 17.35
CA ASP B 202 -1.46 24.83 17.83
C ASP B 202 -0.77 26.18 17.80
N GLN B 203 0.17 26.39 18.71
CA GLN B 203 0.92 27.64 18.72
C GLN B 203 2.22 27.50 17.93
N PHE B 204 2.34 28.28 16.87
CA PHE B 204 3.50 28.21 16.01
C PHE B 204 4.48 29.36 16.24
N MET B 205 5.77 29.04 16.21
CA MET B 205 6.81 30.07 16.16
C MET B 205 6.73 30.74 14.78
N ASP B 206 7.51 31.81 14.57
CA ASP B 206 7.39 32.61 13.35
C ASP B 206 7.85 31.91 12.06
N ASN B 207 8.63 30.83 12.18
CA ASN B 207 9.06 30.06 11.02
C ASN B 207 8.08 28.95 10.57
N GLY B 208 6.93 28.89 11.23
CA GLY B 208 5.86 27.94 10.90
C GLY B 208 5.88 26.65 11.73
N TYR B 209 6.85 26.54 12.64
CA TYR B 209 7.08 25.33 13.45
C TYR B 209 6.75 25.58 14.90
N THR B 210 6.27 24.55 15.60
CA THR B 210 5.97 24.69 17.02
C THR B 210 7.25 24.67 17.86
N LYS B 211 7.17 25.19 19.09
CA LYS B 211 8.27 25.09 20.05
C LYS B 211 8.75 23.67 20.21
N GLU B 212 7.79 22.75 20.35
CA GLU B 212 8.03 21.32 20.46
C GLU B 212 8.87 20.80 19.30
N GLU B 213 8.47 21.18 18.08
CA GLU B 213 9.15 20.74 16.86
C GLU B 213 10.56 21.34 16.81
N MET B 214 10.69 22.61 17.13
CA MET B 214 12.01 23.25 17.14
C MET B 214 12.97 22.63 18.17
N LYS B 215 12.44 22.27 19.34
CA LYS B 215 13.21 21.57 20.35
C LYS B 215 13.85 20.30 19.77
N MET B 216 13.10 19.61 18.91
CA MET B 216 13.60 18.43 18.24
C MET B 216 14.76 18.77 17.31
N VAL B 217 14.64 19.88 16.59
CA VAL B 217 15.68 20.39 15.69
C VAL B 217 16.97 20.63 16.48
N TRP B 218 16.84 21.36 17.58
CA TRP B 218 17.97 21.79 18.39
C TRP B 218 18.67 20.62 19.07
N GLU B 219 17.88 19.68 19.57
CA GLU B 219 18.42 18.48 20.22
C GLU B 219 19.18 17.60 19.24
N THR B 220 18.62 17.40 18.05
CA THR B 220 19.28 16.59 17.02
C THR B 220 20.63 17.17 16.60
N GLN B 221 20.67 18.47 16.31
CA GLN B 221 21.92 19.12 15.90
C GLN B 221 22.98 19.07 17.00
N LYS B 222 22.56 19.26 18.24
CA LYS B 222 23.46 19.19 19.39
C LYS B 222 24.07 17.79 19.56
N ILE B 223 23.20 16.77 19.51
CA ILE B 223 23.62 15.36 19.75
C ILE B 223 24.58 14.83 18.66
N PHE B 224 24.26 15.13 17.40
CA PHE B 224 25.14 14.82 16.26
C PHE B 224 26.35 15.76 16.20
N ASN B 225 26.34 16.78 17.05
CA ASN B 225 27.35 17.84 17.05
C ASN B 225 27.60 18.41 15.65
N ASP B 226 26.52 18.69 14.93
CA ASP B 226 26.62 19.06 13.55
C ASP B 226 25.59 20.13 13.25
N PRO B 227 26.04 21.39 13.17
CA PRO B 227 25.15 22.53 12.88
C PRO B 227 24.62 22.55 11.44
N SER B 228 25.19 21.72 10.58
CA SER B 228 24.81 21.68 9.16
C SER B 228 23.63 20.77 8.83
N ILE B 229 23.34 19.80 9.70
CA ILE B 229 22.20 18.90 9.50
C ILE B 229 20.89 19.69 9.62
N MET B 230 20.12 19.69 8.54
CA MET B 230 18.80 20.30 8.54
C MET B 230 17.81 19.31 9.15
N VAL B 231 16.97 19.78 10.07
CA VAL B 231 15.96 18.93 10.70
C VAL B 231 14.60 19.60 10.57
N ASN B 232 13.62 18.84 10.06
CA ASN B 232 12.26 19.37 9.83
C ASN B 232 11.18 18.49 10.50
N PRO B 233 10.91 18.73 11.80
CA PRO B 233 9.98 17.88 12.54
C PRO B 233 8.52 18.30 12.44
N THR B 234 7.64 17.30 12.38
CA THR B 234 6.19 17.49 12.44
C THR B 234 5.67 16.66 13.61
N CYS B 235 5.31 17.32 14.71
CA CYS B 235 4.92 16.58 15.92
C CYS B 235 3.39 16.62 16.08
N VAL B 236 2.75 15.46 15.90
CA VAL B 236 1.28 15.41 15.85
C VAL B 236 0.61 14.56 16.95
N ARG B 237 -0.66 14.86 17.20
CA ARG B 237 -1.47 14.14 18.18
C ARG B 237 -2.63 13.45 17.45
N VAL B 238 -2.62 13.53 16.12
CA VAL B 238 -3.60 12.86 15.25
C VAL B 238 -2.94 12.74 13.88
N PRO B 239 -3.00 11.54 13.27
CA PRO B 239 -3.58 10.29 13.77
C PRO B 239 -2.69 9.72 14.89
N VAL B 240 -3.18 8.67 15.54
CA VAL B 240 -2.43 8.00 16.59
C VAL B 240 -2.27 6.50 16.25
N PHE B 241 -1.22 5.88 16.78
CA PHE B 241 -0.92 4.48 16.48
C PHE B 241 -0.67 3.75 17.80
N TYR B 242 -0.67 2.41 17.76
CA TYR B 242 -0.23 1.62 18.91
C TYR B 242 1.28 1.77 19.03
N GLY B 243 1.78 1.86 20.25
CA GLY B 243 3.17 2.20 20.49
C GLY B 243 3.42 3.64 20.08
N HIS B 244 4.69 4.04 20.12
CA HIS B 244 5.04 5.41 19.75
C HIS B 244 5.77 5.41 18.41
N ALA B 245 5.07 5.84 17.36
CA ALA B 245 5.58 5.77 16.00
C ALA B 245 6.25 7.05 15.53
N GLU B 246 7.27 6.88 14.69
CA GLU B 246 7.90 7.98 13.96
C GLU B 246 8.11 7.60 12.50
N ALA B 247 7.84 8.54 11.61
CA ALA B 247 8.09 8.35 10.20
C ALA B 247 9.27 9.23 9.86
N VAL B 248 10.30 8.65 9.26
CA VAL B 248 11.53 9.40 8.98
C VAL B 248 11.89 9.31 7.51
N HIS B 249 12.19 10.46 6.94
CA HIS B 249 12.89 10.53 5.67
C HIS B 249 14.26 11.13 5.94
N VAL B 250 15.27 10.50 5.35
CA VAL B 250 16.66 10.93 5.49
C VAL B 250 17.23 11.21 4.11
N GLU B 251 17.86 12.37 3.98
CA GLU B 251 18.59 12.76 2.77
C GLU B 251 20.08 12.65 3.10
N THR B 252 20.75 11.65 2.51
CA THR B 252 22.13 11.31 2.90
C THR B 252 23.17 12.09 2.12
N ARG B 253 24.42 12.07 2.60
CA ARG B 253 25.51 12.78 1.95
C ARG B 253 26.16 11.94 0.82
N ALA B 254 25.88 10.65 0.82
CA ALA B 254 26.20 9.75 -0.29
C ALA B 254 25.10 8.70 -0.42
N PRO B 255 24.79 8.27 -1.67
CA PRO B 255 23.78 7.22 -1.87
C PRO B 255 24.00 5.92 -1.09
N ILE B 256 22.92 5.30 -0.64
CA ILE B 256 22.98 4.02 0.07
C ILE B 256 21.73 3.21 -0.23
N ASP B 257 21.91 1.90 -0.41
CA ASP B 257 20.79 1.02 -0.74
C ASP B 257 20.02 0.68 0.51
N ALA B 258 18.68 0.69 0.41
CA ALA B 258 17.82 0.31 1.52
C ALA B 258 18.18 -1.07 2.09
N GLU B 259 18.73 -1.94 1.24
CA GLU B 259 19.16 -3.27 1.66
C GLU B 259 20.42 -3.21 2.54
N GLN B 260 21.38 -2.37 2.13
CA GLN B 260 22.54 -2.00 2.97
C GLN B 260 22.08 -1.46 4.32
N VAL B 261 21.13 -0.53 4.28
CA VAL B 261 20.54 0.07 5.49
C VAL B 261 19.87 -0.99 6.35
N MET B 262 19.10 -1.87 5.72
CA MET B 262 18.41 -2.95 6.44
C MET B 262 19.40 -3.91 7.08
N ASP B 263 20.56 -4.08 6.44
CA ASP B 263 21.64 -4.90 6.99
C ASP B 263 22.19 -4.28 8.26
N MET B 264 22.56 -2.99 8.17
CA MET B 264 23.12 -2.22 9.29
C MET B 264 22.24 -2.25 10.53
N LEU B 265 20.93 -2.06 10.32
CA LEU B 265 19.97 -1.98 11.41
C LEU B 265 19.71 -3.32 12.09
N GLU B 266 19.93 -4.41 11.35
CA GLU B 266 19.88 -5.76 11.94
C GLU B 266 21.14 -6.06 12.75
N GLN B 267 22.27 -5.51 12.30
CA GLN B 267 23.56 -5.69 12.96
C GLN B 267 23.81 -4.62 14.03
N THR B 268 22.77 -3.88 14.40
CA THR B 268 22.83 -2.93 15.51
C THR B 268 21.95 -3.47 16.65
N ASP B 269 22.54 -3.51 17.85
CA ASP B 269 21.87 -4.01 19.05
C ASP B 269 20.77 -3.04 19.51
N GLY B 270 19.66 -3.61 19.99
CA GLY B 270 18.54 -2.80 20.47
C GLY B 270 17.51 -2.49 19.39
N ILE B 271 17.93 -2.57 18.13
CA ILE B 271 17.04 -2.33 16.99
C ILE B 271 16.51 -3.66 16.45
N GLU B 272 15.21 -3.72 16.19
CA GLU B 272 14.58 -4.89 15.61
C GLU B 272 13.96 -4.52 14.27
N LEU B 273 14.29 -5.28 13.22
CA LEU B 273 13.83 -4.96 11.87
C LEU B 273 12.60 -5.76 11.46
N PHE B 274 11.67 -5.09 10.77
CA PHE B 274 10.45 -5.70 10.29
C PHE B 274 10.30 -5.55 8.77
N ARG B 275 9.94 -6.65 8.12
CA ARG B 275 9.61 -6.66 6.70
C ARG B 275 8.11 -6.92 6.55
N GLY B 276 7.58 -6.72 5.35
CA GLY B 276 6.15 -6.79 5.12
C GLY B 276 5.55 -5.39 5.09
N ALA B 277 4.53 -5.21 4.25
CA ALA B 277 3.90 -3.92 4.04
C ALA B 277 3.00 -3.46 5.19
N ASP B 278 2.72 -4.37 6.14
CA ASP B 278 1.88 -4.06 7.30
C ASP B 278 2.72 -3.54 8.48
N PHE B 279 3.15 -2.29 8.36
CA PHE B 279 3.92 -1.61 9.39
C PHE B 279 3.75 -0.11 9.19
N PRO B 280 3.43 0.64 10.28
CA PRO B 280 3.37 0.25 11.70
C PRO B 280 2.34 -0.82 12.03
N THR B 281 2.71 -1.72 12.94
CA THR B 281 1.88 -2.87 13.32
C THR B 281 1.69 -2.99 14.82
N HIS B 291 11.15 -2.71 23.54
CA HIS B 291 11.96 -2.82 22.32
C HIS B 291 11.66 -1.70 21.31
N VAL B 292 12.63 -1.45 20.41
CA VAL B 292 12.50 -0.50 19.30
C VAL B 292 12.36 -1.25 17.98
N LEU B 293 11.31 -0.94 17.23
CA LEU B 293 11.00 -1.62 15.97
C LEU B 293 11.22 -0.68 14.77
N VAL B 294 11.80 -1.20 13.69
CA VAL B 294 12.08 -0.39 12.49
C VAL B 294 11.55 -1.12 11.25
N GLY B 295 10.80 -0.41 10.41
CA GLY B 295 10.15 -1.00 9.24
C GLY B 295 9.97 -0.08 8.04
N ARG B 296 9.33 -0.61 7.00
CA ARG B 296 9.12 0.08 5.72
C ARG B 296 10.36 0.79 5.18
N VAL B 297 11.52 0.17 5.36
CA VAL B 297 12.79 0.76 4.92
C VAL B 297 12.95 0.69 3.39
N ARG B 298 12.96 1.85 2.74
CA ARG B 298 13.12 1.89 1.30
C ARG B 298 13.73 3.22 0.85
N ASN B 299 14.40 3.18 -0.28
CA ASN B 299 14.92 4.38 -0.93
C ASN B 299 13.79 5.17 -1.57
N ASP B 300 13.97 6.48 -1.72
CA ASP B 300 13.14 7.23 -2.64
C ASP B 300 13.35 6.59 -4.00
N ILE B 301 12.29 6.48 -4.79
CA ILE B 301 12.39 5.88 -6.13
C ILE B 301 13.37 6.67 -7.02
N SER B 302 14.33 5.95 -7.59
CA SER B 302 15.44 6.50 -8.41
C SER B 302 16.21 7.65 -7.75
N HIS B 303 16.34 7.57 -6.42
CA HIS B 303 17.05 8.56 -5.62
C HIS B 303 17.57 7.88 -4.37
N HIS B 304 18.72 7.21 -4.52
CA HIS B 304 19.27 6.37 -3.46
C HIS B 304 19.96 7.13 -2.31
N SER B 305 20.10 8.45 -2.44
CA SER B 305 20.53 9.25 -1.30
C SER B 305 19.32 9.74 -0.49
N GLY B 306 18.15 9.18 -0.80
CA GLY B 306 16.95 9.33 0.03
C GLY B 306 16.59 8.00 0.65
N ILE B 307 16.38 7.99 1.96
CA ILE B 307 15.98 6.79 2.68
C ILE B 307 14.75 7.05 3.53
N ASN B 308 13.79 6.14 3.44
CA ASN B 308 12.54 6.23 4.18
C ASN B 308 12.46 5.07 5.12
N LEU B 309 11.95 5.32 6.32
CA LEU B 309 11.80 4.29 7.35
C LEU B 309 10.80 4.72 8.44
N TRP B 310 10.14 3.73 9.05
CA TRP B 310 9.34 3.95 10.26
C TRP B 310 10.07 3.39 11.48
N VAL B 311 9.94 4.09 12.60
CA VAL B 311 10.56 3.69 13.87
C VAL B 311 9.49 3.67 14.96
N VAL B 312 9.28 2.51 15.60
CA VAL B 312 8.23 2.36 16.61
C VAL B 312 8.80 1.83 17.92
N ALA B 313 8.53 2.55 19.01
CA ALA B 313 8.96 2.15 20.35
C ALA B 313 7.75 1.74 21.19
N ASP B 314 7.89 0.63 21.93
CA ASP B 314 6.77 0.12 22.72
C ASP B 314 6.47 0.98 23.93
N ASN B 315 7.54 1.44 24.60
CA ASN B 315 7.40 2.21 25.83
C ASN B 315 8.44 3.32 25.75
N VAL B 316 8.03 4.43 25.16
CA VAL B 316 8.95 5.52 24.88
C VAL B 316 9.40 6.24 26.18
N ARG B 317 8.56 6.21 27.19
CA ARG B 317 8.92 6.68 28.53
C ARG B 317 10.02 5.82 29.17
N LYS B 318 9.95 4.51 28.96
CA LYS B 318 10.97 3.60 29.49
C LYS B 318 12.28 3.81 28.73
N GLY B 319 12.16 4.14 27.44
CA GLY B 319 13.31 4.52 26.64
C GLY B 319 14.08 5.67 27.25
N ALA B 320 13.34 6.71 27.64
CA ALA B 320 13.93 7.91 28.27
C ALA B 320 14.61 7.54 29.59
N ALA B 321 13.90 6.80 30.45
CA ALA B 321 14.48 6.29 31.70
C ALA B 321 15.75 5.46 31.45
N THR B 322 15.67 4.54 30.50
CA THR B 322 16.84 3.69 30.16
C THR B 322 18.03 4.53 29.69
N ASN B 323 17.78 5.52 28.85
CA ASN B 323 18.83 6.41 28.34
C ASN B 323 19.54 7.15 29.49
N ALA B 324 18.75 7.68 30.43
CA ALA B 324 19.26 8.32 31.63
C ALA B 324 20.11 7.37 32.48
N VAL B 325 19.62 6.14 32.70
CA VAL B 325 20.41 5.17 33.46
C VAL B 325 21.68 4.74 32.70
N GLN B 326 21.62 4.63 31.38
CA GLN B 326 22.82 4.38 30.55
C GLN B 326 23.91 5.45 30.76
N ILE B 327 23.50 6.71 30.82
CA ILE B 327 24.44 7.83 31.09
C ILE B 327 25.08 7.61 32.46
N ALA B 328 24.24 7.28 33.46
CA ALA B 328 24.72 7.04 34.81
C ALA B 328 25.74 5.90 34.85
N GLU B 329 25.51 4.88 34.01
CA GLU B 329 26.41 3.73 33.90
C GLU B 329 27.78 4.14 33.38
N LEU B 330 27.81 4.95 32.32
CA LEU B 330 29.07 5.41 31.73
C LEU B 330 29.79 6.36 32.67
N LEU B 331 29.01 7.15 33.40
CA LEU B 331 29.53 8.04 34.43
C LEU B 331 30.28 7.22 35.48
N VAL B 332 29.62 6.20 36.03
CA VAL B 332 30.22 5.33 37.03
C VAL B 332 31.48 4.63 36.50
N ARG B 333 31.35 4.01 35.32
CA ARG B 333 32.46 3.24 34.73
C ARG B 333 33.66 4.13 34.35
N ASP B 334 33.39 5.24 33.69
CA ASP B 334 34.44 6.04 33.07
C ASP B 334 34.90 7.29 33.85
N TYR B 335 34.13 7.71 34.84
CA TYR B 335 34.43 8.98 35.51
C TYR B 335 34.64 8.87 37.02
N PHE B 336 33.98 7.90 37.65
CA PHE B 336 34.07 7.72 39.09
C PHE B 336 35.17 6.72 39.50
N SER C 1 11.69 -22.16 -41.33
CA SER C 1 12.73 -21.32 -40.63
C SER C 1 12.28 -19.85 -40.50
N GLN C 2 10.97 -19.64 -40.42
CA GLN C 2 10.43 -18.34 -40.10
C GLN C 2 10.63 -18.13 -38.60
N GLN C 3 11.41 -17.13 -38.22
CA GLN C 3 11.69 -16.86 -36.80
C GLN C 3 11.12 -15.52 -36.32
N PHE C 4 10.83 -15.44 -35.03
CA PHE C 4 10.14 -14.27 -34.46
C PHE C 4 10.87 -13.70 -33.24
N ASN C 5 10.90 -12.38 -33.13
CA ASN C 5 11.43 -11.72 -31.93
C ASN C 5 10.32 -11.66 -30.88
N VAL C 6 10.63 -12.12 -29.68
CA VAL C 6 9.62 -12.29 -28.62
C VAL C 6 10.11 -11.53 -27.39
N ALA C 7 9.23 -10.76 -26.76
CA ALA C 7 9.53 -10.16 -25.46
C ALA C 7 8.76 -10.86 -24.35
N ILE C 8 9.38 -11.01 -23.18
CA ILE C 8 8.67 -11.37 -21.95
C ILE C 8 8.74 -10.16 -21.02
N PHE C 9 7.58 -9.62 -20.70
CA PHE C 9 7.50 -8.50 -19.75
C PHE C 9 7.10 -9.05 -18.39
N GLY C 10 7.96 -8.87 -17.39
CA GLY C 10 7.79 -9.54 -16.10
C GLY C 10 8.66 -10.79 -16.02
N ALA C 11 9.86 -10.68 -16.59
CA ALA C 11 10.75 -11.85 -16.80
C ALA C 11 11.24 -12.51 -15.50
N THR C 12 11.19 -11.80 -14.39
CA THR C 12 11.80 -12.31 -13.14
C THR C 12 10.79 -12.96 -12.21
N GLY C 13 9.50 -12.90 -12.57
CA GLY C 13 8.49 -13.59 -11.78
C GLY C 13 8.46 -15.06 -12.12
N ALA C 14 7.69 -15.82 -11.34
CA ALA C 14 7.58 -17.26 -11.55
C ALA C 14 7.01 -17.57 -12.94
N VAL C 15 5.97 -16.85 -13.34
CA VAL C 15 5.34 -17.07 -14.66
C VAL C 15 6.31 -16.67 -15.78
N GLY C 16 6.88 -15.48 -15.68
CA GLY C 16 7.86 -14.98 -16.67
C GLY C 16 9.05 -15.90 -16.89
N GLU C 17 9.65 -16.38 -15.79
CA GLU C 17 10.71 -17.39 -15.83
C GLU C 17 10.26 -18.68 -16.52
N THR C 18 9.04 -19.11 -16.22
CA THR C 18 8.49 -20.32 -16.82
C THR C 18 8.17 -20.12 -18.28
N MET C 19 7.72 -18.92 -18.66
CA MET C 19 7.54 -18.59 -20.08
C MET C 19 8.82 -18.82 -20.87
N LEU C 20 9.95 -18.31 -20.36
CA LEU C 20 11.25 -18.56 -21.00
C LEU C 20 11.56 -20.07 -21.14
N GLU C 21 11.33 -20.83 -20.08
CA GLU C 21 11.61 -22.26 -20.09
C GLU C 21 10.74 -23.02 -21.09
N VAL C 22 9.47 -22.66 -21.16
CA VAL C 22 8.51 -23.30 -22.08
C VAL C 22 8.83 -22.96 -23.55
N LEU C 23 9.19 -21.71 -23.83
CA LEU C 23 9.61 -21.33 -25.17
C LEU C 23 10.79 -22.20 -25.64
N GLN C 24 11.70 -22.48 -24.72
CA GLN C 24 12.86 -23.32 -25.01
C GLN C 24 12.46 -24.79 -25.18
N GLU C 25 11.72 -25.34 -24.21
CA GLU C 25 11.34 -26.74 -24.22
C GLU C 25 10.48 -27.12 -25.42
N ARG C 26 9.59 -26.21 -25.82
CA ARG C 26 8.68 -26.43 -26.95
C ARG C 26 9.28 -25.97 -28.28
N GLU C 27 10.55 -25.57 -28.24
CA GLU C 27 11.31 -25.20 -29.44
C GLU C 27 10.56 -24.17 -30.28
N PHE C 28 10.06 -23.13 -29.62
CA PHE C 28 9.41 -22.03 -30.30
C PHE C 28 10.42 -21.35 -31.23
N PRO C 29 10.01 -20.98 -32.47
CA PRO C 29 11.00 -20.36 -33.36
C PRO C 29 11.36 -18.93 -32.99
N VAL C 30 12.10 -18.77 -31.90
CA VAL C 30 12.56 -17.46 -31.45
C VAL C 30 13.84 -17.04 -32.15
N ASP C 31 13.82 -15.85 -32.74
CA ASP C 31 15.03 -15.21 -33.27
C ASP C 31 15.76 -14.59 -32.08
N GLU C 32 15.35 -13.39 -31.66
CA GLU C 32 15.88 -12.79 -30.43
C GLU C 32 14.84 -12.77 -29.29
N LEU C 33 15.30 -13.09 -28.08
CA LEU C 33 14.44 -13.02 -26.89
C LEU C 33 14.79 -11.78 -26.09
N PHE C 34 13.78 -10.98 -25.78
CA PHE C 34 13.93 -9.80 -24.96
C PHE C 34 13.23 -10.00 -23.62
N LEU C 35 13.95 -9.66 -22.55
CA LEU C 35 13.42 -9.83 -21.22
C LEU C 35 13.30 -8.47 -20.55
N LEU C 36 12.09 -8.15 -20.14
CA LEU C 36 11.79 -6.82 -19.62
C LEU C 36 11.28 -6.94 -18.20
N ALA C 37 11.76 -6.05 -17.34
CA ALA C 37 11.31 -5.99 -15.96
C ALA C 37 11.50 -4.57 -15.41
N SER C 38 11.43 -4.44 -14.08
CA SER C 38 11.57 -3.15 -13.42
C SER C 38 13.04 -2.79 -13.34
N GLU C 39 13.30 -1.49 -13.25
CA GLU C 39 14.63 -0.92 -13.01
C GLU C 39 15.44 -1.68 -11.94
N ARG C 40 14.78 -2.16 -10.90
CA ARG C 40 15.42 -2.91 -9.83
C ARG C 40 15.86 -4.33 -10.24
N SER C 41 15.15 -4.90 -11.21
CA SER C 41 15.44 -6.24 -11.72
C SER C 41 16.44 -6.24 -12.87
N GLU C 42 16.73 -5.05 -13.41
CA GLU C 42 17.63 -4.92 -14.56
C GLU C 42 19.03 -5.44 -14.22
N GLY C 43 19.62 -6.18 -15.15
CA GLY C 43 20.93 -6.77 -14.92
C GLY C 43 20.90 -8.25 -14.60
N LYS C 44 19.75 -8.74 -14.16
CA LYS C 44 19.59 -10.18 -13.97
C LYS C 44 19.72 -10.86 -15.33
N THR C 45 20.36 -12.03 -15.36
CA THR C 45 20.51 -12.79 -16.60
C THR C 45 19.89 -14.17 -16.50
N TYR C 46 19.49 -14.69 -17.65
CA TYR C 46 18.95 -16.04 -17.76
C TYR C 46 19.58 -16.69 -18.98
N ARG C 47 19.67 -18.01 -18.97
CA ARG C 47 20.09 -18.78 -20.14
C ARG C 47 18.89 -19.15 -21.00
N PHE C 48 19.02 -18.97 -22.30
CA PHE C 48 17.99 -19.34 -23.26
C PHE C 48 18.62 -19.78 -24.57
N ASN C 49 18.23 -20.97 -25.04
CA ASN C 49 18.77 -21.55 -26.28
C ASN C 49 20.26 -21.25 -26.48
N GLY C 50 21.08 -21.52 -25.48
CA GLY C 50 22.55 -21.38 -25.58
C GLY C 50 23.10 -19.98 -25.47
N LYS C 51 22.25 -19.03 -25.06
CA LYS C 51 22.63 -17.62 -24.92
C LYS C 51 22.31 -17.09 -23.54
N THR C 52 23.04 -16.06 -23.12
CA THR C 52 22.75 -15.37 -21.88
C THR C 52 21.97 -14.10 -22.22
N VAL C 53 20.78 -13.96 -21.64
CA VAL C 53 19.91 -12.84 -21.95
C VAL C 53 19.76 -11.97 -20.70
N ARG C 54 20.04 -10.68 -20.85
CA ARG C 54 19.99 -9.74 -19.74
C ARG C 54 18.63 -9.04 -19.65
N VAL C 55 18.05 -9.04 -18.45
CA VAL C 55 16.81 -8.34 -18.18
C VAL C 55 17.05 -6.83 -18.28
N GLN C 56 16.19 -6.14 -19.02
CA GLN C 56 16.29 -4.70 -19.23
C GLN C 56 15.01 -3.96 -18.76
N ASN C 57 15.17 -2.66 -18.56
CA ASN C 57 14.08 -1.76 -18.16
C ASN C 57 13.07 -1.59 -19.29
N VAL C 58 11.79 -1.82 -18.98
CA VAL C 58 10.71 -1.62 -19.95
C VAL C 58 10.64 -0.16 -20.45
N GLU C 59 11.00 0.78 -19.58
CA GLU C 59 10.88 2.21 -19.87
C GLU C 59 11.72 2.66 -21.06
N GLU C 60 12.86 2.01 -21.25
CA GLU C 60 13.77 2.36 -22.34
C GLU C 60 13.69 1.40 -23.54
N PHE C 61 12.73 0.48 -23.52
CA PHE C 61 12.63 -0.57 -24.55
C PHE C 61 11.95 -0.10 -25.85
N ASP C 62 12.56 -0.45 -26.98
CA ASP C 62 11.98 -0.19 -28.30
C ASP C 62 11.15 -1.40 -28.75
N TRP C 63 9.82 -1.23 -28.72
CA TRP C 63 8.87 -2.30 -29.01
C TRP C 63 8.82 -2.71 -30.49
N SER C 64 9.34 -1.86 -31.38
CA SER C 64 9.33 -2.15 -32.80
C SER C 64 10.27 -3.31 -33.15
N GLN C 65 11.13 -3.68 -32.20
CA GLN C 65 11.99 -4.86 -32.33
C GLN C 65 11.23 -6.21 -32.30
N VAL C 66 9.99 -6.18 -31.84
CA VAL C 66 9.29 -7.39 -31.39
C VAL C 66 8.02 -7.73 -32.18
N HIS C 67 7.82 -9.02 -32.44
CA HIS C 67 6.60 -9.51 -33.12
C HIS C 67 5.50 -9.88 -32.12
N ILE C 68 5.90 -10.56 -31.06
CA ILE C 68 5.00 -11.03 -30.02
C ILE C 68 5.57 -10.72 -28.62
N ALA C 69 4.71 -10.29 -27.69
CA ALA C 69 5.13 -10.10 -26.31
C ALA C 69 4.25 -10.94 -25.38
N LEU C 70 4.88 -11.62 -24.43
CA LEU C 70 4.15 -12.31 -23.38
C LEU C 70 4.26 -11.45 -22.11
N PHE C 71 3.13 -11.01 -21.58
CA PHE C 71 3.08 -10.14 -20.39
C PHE C 71 2.67 -10.89 -19.14
N SER C 72 3.44 -10.73 -18.07
CA SER C 72 3.06 -11.24 -16.74
C SER C 72 3.63 -10.37 -15.61
N ALA C 73 3.26 -9.10 -15.59
CA ALA C 73 3.80 -8.14 -14.64
C ALA C 73 2.70 -7.45 -13.82
N GLY C 74 1.49 -7.97 -13.83
CA GLY C 74 0.37 -7.37 -13.09
C GLY C 74 -0.51 -6.50 -13.97
N GLY C 75 -1.78 -6.38 -13.60
CA GLY C 75 -2.77 -5.76 -14.49
C GLY C 75 -2.55 -4.29 -14.80
N GLU C 76 -2.02 -3.53 -13.84
CA GLU C 76 -1.76 -2.10 -14.00
C GLU C 76 -0.72 -1.86 -15.07
N LEU C 77 0.34 -2.67 -15.03
CA LEU C 77 1.42 -2.56 -15.99
C LEU C 77 1.02 -3.04 -17.39
N SER C 78 0.16 -4.05 -17.50
CA SER C 78 -0.42 -4.42 -18.80
C SER C 78 -1.32 -3.31 -19.37
N ALA C 79 -2.14 -2.70 -18.53
CA ALA C 79 -2.98 -1.57 -18.94
C ALA C 79 -2.14 -0.46 -19.58
N LYS C 80 -1.02 -0.12 -18.95
CA LYS C 80 -0.12 0.91 -19.46
C LYS C 80 0.63 0.49 -20.72
N TRP C 81 1.30 -0.66 -20.66
CA TRP C 81 2.26 -1.03 -21.69
C TRP C 81 1.72 -1.80 -22.90
N ALA C 82 0.63 -2.56 -22.73
CA ALA C 82 0.09 -3.31 -23.87
C ALA C 82 -0.35 -2.43 -25.05
N PRO C 83 -1.08 -1.33 -24.78
CA PRO C 83 -1.46 -0.44 -25.89
C PRO C 83 -0.24 0.17 -26.60
N ILE C 84 0.83 0.44 -25.86
CA ILE C 84 2.08 0.97 -26.42
C ILE C 84 2.72 -0.09 -27.34
N ALA C 85 2.83 -1.32 -26.84
CA ALA C 85 3.32 -2.43 -27.67
C ALA C 85 2.42 -2.65 -28.90
N ALA C 86 1.10 -2.69 -28.68
CA ALA C 86 0.15 -2.92 -29.77
C ALA C 86 0.25 -1.87 -30.87
N GLU C 87 0.42 -0.62 -30.45
CA GLU C 87 0.56 0.53 -31.35
C GLU C 87 1.85 0.42 -32.20
N ALA C 88 2.89 -0.20 -31.63
CA ALA C 88 4.11 -0.46 -32.37
C ALA C 88 4.08 -1.73 -33.21
N GLY C 89 2.92 -2.37 -33.29
CA GLY C 89 2.77 -3.55 -34.16
C GLY C 89 2.94 -4.92 -33.50
N VAL C 90 3.18 -4.92 -32.19
CA VAL C 90 3.37 -6.16 -31.43
C VAL C 90 2.01 -6.80 -31.10
N VAL C 91 1.90 -8.12 -31.21
CA VAL C 91 0.73 -8.79 -30.67
C VAL C 91 1.09 -9.21 -29.24
N VAL C 92 0.29 -8.74 -28.28
CA VAL C 92 0.50 -9.01 -26.86
C VAL C 92 -0.39 -10.17 -26.42
N ILE C 93 0.20 -11.12 -25.70
CA ILE C 93 -0.55 -12.18 -25.03
C ILE C 93 -0.38 -11.88 -23.55
N ASP C 94 -1.49 -11.51 -22.91
CA ASP C 94 -1.45 -10.93 -21.58
C ASP C 94 -1.85 -11.93 -20.51
N ASN C 95 -0.90 -12.29 -19.66
CA ASN C 95 -1.23 -13.10 -18.48
C ASN C 95 -1.59 -12.19 -17.30
N THR C 96 -2.62 -11.37 -17.45
CA THR C 96 -3.20 -10.69 -16.29
C THR C 96 -4.69 -10.78 -16.48
N SER C 97 -5.45 -10.34 -15.49
CA SER C 97 -6.88 -10.27 -15.65
C SER C 97 -7.32 -9.00 -16.38
N HIS C 98 -6.40 -8.04 -16.60
CA HIS C 98 -6.82 -6.69 -17.01
C HIS C 98 -7.78 -6.63 -18.21
N PHE C 99 -7.43 -7.35 -19.27
CA PHE C 99 -8.17 -7.26 -20.52
C PHE C 99 -9.21 -8.36 -20.76
N ARG C 100 -9.44 -9.20 -19.76
CA ARG C 100 -10.21 -10.42 -20.00
C ARG C 100 -11.70 -10.22 -20.29
N TYR C 101 -12.29 -9.15 -19.76
CA TYR C 101 -13.74 -8.91 -19.85
C TYR C 101 -14.08 -7.83 -20.88
N ASP C 102 -13.06 -7.39 -21.62
CA ASP C 102 -13.23 -6.52 -22.80
C ASP C 102 -13.78 -7.37 -23.96
N TYR C 103 -14.98 -7.05 -24.45
CA TYR C 103 -15.63 -7.91 -25.46
C TYR C 103 -14.84 -8.05 -26.75
N ASP C 104 -14.02 -7.04 -27.06
CA ASP C 104 -13.25 -7.06 -28.32
C ASP C 104 -11.86 -7.67 -28.19
N ILE C 105 -11.59 -8.25 -27.02
CA ILE C 105 -10.33 -8.97 -26.76
C ILE C 105 -10.64 -10.44 -26.49
N PRO C 106 -10.05 -11.35 -27.30
CA PRO C 106 -10.35 -12.77 -27.11
C PRO C 106 -9.66 -13.31 -25.87
N LEU C 107 -10.33 -14.25 -25.22
CA LEU C 107 -9.83 -14.91 -24.02
C LEU C 107 -9.72 -16.39 -24.37
N VAL C 108 -8.49 -16.88 -24.48
CA VAL C 108 -8.23 -18.12 -25.23
C VAL C 108 -7.65 -19.28 -24.41
N VAL C 109 -8.34 -20.42 -24.51
CA VAL C 109 -7.71 -21.71 -24.18
C VAL C 109 -7.59 -22.48 -25.50
N PRO C 110 -6.36 -22.71 -25.97
CA PRO C 110 -6.16 -23.36 -27.27
C PRO C 110 -6.92 -24.67 -27.52
N GLU C 111 -7.10 -25.49 -26.48
CA GLU C 111 -7.87 -26.73 -26.62
C GLU C 111 -9.40 -26.50 -26.71
N VAL C 112 -9.84 -25.28 -26.42
CA VAL C 112 -11.27 -25.03 -26.29
C VAL C 112 -11.82 -24.11 -27.38
N ASN C 113 -11.30 -22.90 -27.46
CA ASN C 113 -11.79 -21.90 -28.40
C ASN C 113 -10.67 -21.28 -29.25
N PRO C 114 -9.90 -22.11 -30.00
CA PRO C 114 -8.72 -21.56 -30.68
C PRO C 114 -9.09 -20.60 -31.80
N GLU C 115 -10.33 -20.68 -32.29
CA GLU C 115 -10.83 -19.79 -33.36
C GLU C 115 -10.88 -18.33 -32.90
N ALA C 116 -11.05 -18.10 -31.59
CA ALA C 116 -11.06 -16.75 -31.03
C ALA C 116 -9.76 -15.98 -31.24
N ILE C 117 -8.66 -16.70 -31.45
CA ILE C 117 -7.36 -16.05 -31.69
C ILE C 117 -7.45 -15.03 -32.84
N ALA C 118 -8.26 -15.35 -33.86
CA ALA C 118 -8.51 -14.44 -35.00
C ALA C 118 -8.84 -13.00 -34.57
N GLU C 119 -9.55 -12.86 -33.45
CA GLU C 119 -9.95 -11.54 -32.93
C GLU C 119 -8.76 -10.73 -32.38
N PHE C 120 -7.53 -11.24 -32.51
CA PHE C 120 -6.35 -10.52 -32.05
C PHE C 120 -6.16 -9.18 -32.77
N ARG C 121 -6.69 -9.08 -34.00
CA ARG C 121 -6.52 -7.88 -34.82
C ARG C 121 -7.24 -6.67 -34.28
N ASN C 122 -8.29 -6.87 -33.49
CA ASN C 122 -9.06 -5.76 -32.93
C ASN C 122 -8.14 -4.78 -32.18
N ARG C 123 -7.31 -5.31 -31.30
CA ARG C 123 -6.48 -4.45 -30.44
C ARG C 123 -5.01 -4.89 -30.39
N ASN C 124 -4.64 -5.92 -31.16
CA ASN C 124 -3.32 -6.58 -31.02
C ASN C 124 -3.05 -7.14 -29.63
N ILE C 125 -4.13 -7.57 -28.98
CA ILE C 125 -4.04 -8.15 -27.64
C ILE C 125 -4.88 -9.41 -27.59
N ILE C 126 -4.31 -10.46 -27.00
CA ILE C 126 -5.04 -11.69 -26.65
C ILE C 126 -4.91 -11.89 -25.14
N ALA C 127 -6.01 -12.18 -24.47
CA ALA C 127 -5.94 -12.42 -23.02
C ALA C 127 -5.74 -13.91 -22.67
N ASN C 128 -4.81 -14.17 -21.76
CA ASN C 128 -4.59 -15.50 -21.18
C ASN C 128 -5.56 -15.66 -19.99
N PRO C 129 -6.33 -16.71 -19.92
CA PRO C 129 -7.28 -16.85 -18.82
C PRO C 129 -6.65 -17.18 -17.44
N ASN C 130 -7.47 -17.09 -16.42
CA ASN C 130 -7.22 -17.53 -15.05
C ASN C 130 -6.80 -19.00 -14.91
N HTI C 131 -5.56 -19.52 -14.14
CA HTI C 131 -4.97 -20.84 -14.12
CB HTI C 131 -3.89 -20.94 -13.07
S HTI C 131 -4.35 -20.10 -11.59
CAH HTI C 131 -3.73 -18.44 -11.63
OAI HTI C 131 -4.70 -17.56 -12.25
CAJ HTI C 131 -3.46 -17.93 -10.22
CAK HTI C 131 -4.71 -17.87 -9.35
NAL HTI C 131 -5.34 -16.56 -9.49
CAM HTI C 131 -4.34 -18.13 -7.90
OAN HTI C 131 -4.36 -17.19 -7.08
OAO HTI C 131 -4.02 -19.29 -7.58
C HTI C 131 -6.08 -21.83 -13.79
O HTI C 131 -6.33 -22.81 -14.46
N SER C 132 -7.12 -21.57 -12.83
CA SER C 132 -8.14 -22.46 -12.29
C SER C 132 -9.15 -22.76 -13.37
N THR C 133 -9.47 -21.74 -14.15
CA THR C 133 -10.39 -21.85 -15.26
C THR C 133 -9.82 -22.69 -16.41
N ILE C 134 -8.60 -22.37 -16.85
CA ILE C 134 -7.91 -23.09 -17.88
C ILE C 134 -8.01 -24.58 -17.71
N GLN C 135 -7.52 -25.10 -16.60
CA GLN C 135 -7.47 -26.56 -16.45
C GLN C 135 -8.86 -27.18 -16.39
N MET C 136 -9.80 -26.50 -15.75
CA MET C 136 -11.19 -26.97 -15.71
C MET C 136 -11.78 -27.14 -17.12
N LEU C 137 -11.63 -26.12 -17.97
CA LEU C 137 -12.28 -26.09 -19.27
C LEU C 137 -11.66 -27.05 -20.28
N VAL C 138 -10.34 -27.27 -20.17
CA VAL C 138 -9.67 -28.33 -20.92
C VAL C 138 -10.34 -29.69 -20.66
N ALA C 139 -10.55 -30.01 -19.38
CA ALA C 139 -11.14 -31.28 -18.98
C ALA C 139 -12.62 -31.38 -19.40
N LEU C 140 -13.33 -30.27 -19.30
CA LEU C 140 -14.76 -30.26 -19.57
C LEU C 140 -15.18 -30.16 -21.05
N LYS C 141 -14.30 -29.58 -21.86
CA LYS C 141 -14.55 -29.41 -23.30
C LYS C 141 -15.16 -30.63 -24.02
N PRO C 142 -14.54 -31.83 -23.91
CA PRO C 142 -15.11 -33.00 -24.61
C PRO C 142 -16.53 -33.35 -24.14
N ILE C 143 -16.79 -33.17 -22.84
CA ILE C 143 -18.14 -33.36 -22.28
C ILE C 143 -19.12 -32.33 -22.83
N TYR C 144 -18.70 -31.06 -22.81
CA TYR C 144 -19.53 -29.97 -23.34
C TYR C 144 -19.94 -30.22 -24.80
N ASP C 145 -19.00 -30.64 -25.61
CA ASP C 145 -19.24 -30.91 -27.03
C ASP C 145 -20.17 -32.09 -27.26
N ALA C 146 -19.98 -33.15 -26.47
CA ALA C 146 -20.75 -34.38 -26.61
C ALA C 146 -22.19 -34.24 -26.15
N VAL C 147 -22.40 -33.72 -24.94
CA VAL C 147 -23.72 -33.73 -24.30
C VAL C 147 -24.16 -32.38 -23.69
N GLY C 148 -23.30 -31.37 -23.76
CA GLY C 148 -23.60 -30.06 -23.17
C GLY C 148 -23.37 -30.03 -21.67
N ILE C 149 -23.30 -28.83 -21.09
CA ILE C 149 -23.16 -28.66 -19.63
C ILE C 149 -24.13 -27.59 -19.17
N GLU C 150 -25.03 -27.98 -18.28
CA GLU C 150 -26.00 -27.06 -17.66
C GLU C 150 -25.40 -26.32 -16.46
N ARG C 151 -24.70 -27.04 -15.60
CA ARG C 151 -24.23 -26.47 -14.34
C ARG C 151 -22.97 -27.18 -13.86
N ILE C 152 -22.08 -26.41 -13.23
CA ILE C 152 -20.82 -26.93 -12.70
C ILE C 152 -20.75 -26.46 -11.24
N ASN C 153 -20.65 -27.41 -10.31
CA ASN C 153 -20.20 -27.11 -8.96
C ASN C 153 -18.72 -27.42 -8.92
N VAL C 154 -17.89 -26.44 -8.55
CA VAL C 154 -16.45 -26.65 -8.48
C VAL C 154 -15.87 -26.09 -7.17
N THR C 155 -15.01 -26.86 -6.53
CA THR C 155 -14.21 -26.34 -5.43
C THR C 155 -12.75 -26.63 -5.71
N THR C 156 -11.87 -25.78 -5.20
CA THR C 156 -10.48 -25.81 -5.63
C THR C 156 -9.54 -26.04 -4.45
N TYR C 157 -8.35 -26.52 -4.78
CA TYR C 157 -7.32 -26.80 -3.82
C TYR C 157 -6.11 -26.14 -4.48
N GLN C 158 -5.93 -24.85 -4.24
CA GLN C 158 -5.00 -24.03 -5.03
C GLN C 158 -3.68 -23.82 -4.30
N SER C 159 -2.59 -24.20 -4.96
CA SER C 159 -1.27 -24.03 -4.38
C SER C 159 -0.85 -22.57 -4.23
N VAL C 160 0.13 -22.35 -3.36
CA VAL C 160 0.65 -21.03 -3.04
C VAL C 160 1.39 -20.39 -4.22
N SER C 161 1.87 -21.20 -5.17
CA SER C 161 2.48 -20.66 -6.40
C SER C 161 1.50 -19.80 -7.22
N GLY C 162 0.20 -19.92 -6.95
CA GLY C 162 -0.78 -19.00 -7.55
C GLY C 162 -0.51 -17.56 -7.16
N ALA C 163 0.13 -17.36 -6.02
CA ALA C 163 0.55 -16.05 -5.55
C ALA C 163 2.02 -15.78 -5.86
N GLY C 164 2.56 -16.46 -6.86
CA GLY C 164 3.95 -16.28 -7.29
C GLY C 164 5.02 -16.69 -6.27
N LYS C 165 6.22 -16.12 -6.43
CA LYS C 165 7.35 -16.44 -5.58
C LYS C 165 7.12 -16.06 -4.11
N ALA C 166 6.35 -14.99 -3.90
CA ALA C 166 6.02 -14.58 -2.53
C ALA C 166 5.17 -15.66 -1.82
N GLY C 167 4.25 -16.29 -2.55
CA GLY C 167 3.42 -17.36 -2.01
C GLY C 167 4.27 -18.54 -1.59
N ILE C 168 5.16 -18.96 -2.47
CA ILE C 168 6.05 -20.09 -2.23
C ILE C 168 6.95 -19.82 -1.02
N ASP C 169 7.52 -18.62 -0.96
CA ASP C 169 8.40 -18.24 0.13
C ASP C 169 7.65 -18.22 1.45
N GLU C 170 6.41 -17.73 1.43
CA GLU C 170 5.59 -17.70 2.64
C GLU C 170 5.34 -19.11 3.21
N LEU C 171 4.87 -20.03 2.38
CA LEU C 171 4.62 -21.40 2.82
C LEU C 171 5.90 -22.07 3.35
N ALA C 172 7.00 -21.95 2.60
CA ALA C 172 8.26 -22.61 2.98
C ALA C 172 8.77 -22.05 4.31
N GLY C 173 8.76 -20.73 4.43
CA GLY C 173 9.23 -20.04 5.63
C GLY C 173 8.37 -20.32 6.85
N GLN C 174 7.06 -20.19 6.70
CA GLN C 174 6.12 -20.43 7.81
C GLN C 174 6.21 -21.86 8.34
N THR C 175 6.30 -22.82 7.42
CA THR C 175 6.34 -24.23 7.81
C THR C 175 7.62 -24.55 8.59
N ALA C 176 8.76 -24.13 8.04
CA ALA C 176 10.05 -24.28 8.72
C ALA C 176 10.03 -23.70 10.13
N LYS C 177 9.61 -22.43 10.24
CA LYS C 177 9.56 -21.75 11.53
C LYS C 177 8.68 -22.44 12.57
N LEU C 178 7.48 -22.85 12.16
CA LEU C 178 6.52 -23.47 13.06
C LEU C 178 6.99 -24.82 13.61
N LEU C 179 7.60 -25.64 12.75
CA LEU C 179 8.13 -26.94 13.15
C LEU C 179 9.32 -26.84 14.11
N ASN C 180 10.02 -25.70 14.06
CA ASN C 180 11.14 -25.42 14.94
C ASN C 180 10.74 -24.67 16.20
N GLY C 181 9.43 -24.54 16.42
CA GLY C 181 8.88 -23.93 17.64
C GLY C 181 8.78 -22.41 17.62
N TYR C 182 9.19 -21.79 16.51
CA TYR C 182 9.14 -20.35 16.34
C TYR C 182 7.81 -19.90 15.70
N PRO C 183 7.32 -18.71 16.09
CA PRO C 183 6.15 -18.15 15.39
C PRO C 183 6.53 -17.67 13.98
N ALA C 184 5.53 -17.60 13.10
CA ALA C 184 5.75 -17.18 11.73
C ALA C 184 4.88 -15.97 11.34
N GLU C 185 5.41 -15.15 10.44
CA GLU C 185 4.70 -13.98 9.93
C GLU C 185 3.70 -14.38 8.83
N THR C 186 2.58 -13.69 8.77
CA THR C 186 1.70 -13.78 7.60
C THR C 186 1.79 -12.46 6.83
N ASN C 187 2.16 -12.56 5.56
CA ASN C 187 2.30 -11.39 4.73
C ASN C 187 1.50 -11.52 3.43
N THR C 188 1.85 -12.51 2.62
CA THR C 188 1.20 -12.72 1.32
C THR C 188 -0.26 -13.15 1.45
N PHE C 189 -0.57 -14.00 2.44
CA PHE C 189 -1.94 -14.50 2.64
C PHE C 189 -2.58 -13.87 3.88
N SER C 190 -3.91 -13.93 3.96
CA SER C 190 -4.68 -13.23 5.01
C SER C 190 -4.64 -13.92 6.38
N GLN C 191 -4.37 -15.22 6.38
CA GLN C 191 -4.20 -16.02 7.60
C GLN C 191 -2.97 -16.91 7.41
N GLN C 192 -2.58 -17.65 8.44
CA GLN C 192 -1.53 -18.68 8.30
C GLN C 192 -1.90 -19.65 7.17
N ILE C 193 -0.95 -19.93 6.28
CA ILE C 193 -1.15 -20.95 5.25
C ILE C 193 -0.54 -22.31 5.59
N ALA C 194 0.60 -22.34 6.29
CA ALA C 194 1.21 -23.60 6.71
C ALA C 194 0.19 -24.41 7.48
N PHE C 195 0.05 -25.69 7.14
CA PHE C 195 -0.90 -26.60 7.80
C PHE C 195 -2.33 -26.07 7.91
N ASN C 196 -2.76 -25.28 6.92
CA ASN C 196 -4.10 -24.65 6.99
C ASN C 196 -4.74 -24.55 5.60
N CYS C 197 -6.05 -24.39 5.54
CA CYS C 197 -6.73 -24.11 4.27
C CYS C 197 -7.46 -22.80 4.44
N ILE C 198 -7.39 -21.95 3.41
CA ILE C 198 -8.03 -20.64 3.49
C ILE C 198 -9.03 -20.51 2.33
N PRO C 199 -10.34 -20.47 2.65
CA PRO C 199 -11.41 -20.40 1.64
C PRO C 199 -11.58 -18.97 1.11
N GLN C 200 -10.49 -18.35 0.69
CA GLN C 200 -10.52 -17.00 0.16
C GLN C 200 -9.30 -16.80 -0.69
N ILE C 201 -9.53 -16.55 -1.98
CA ILE C 201 -8.48 -16.16 -2.90
C ILE C 201 -8.94 -14.86 -3.56
N ASP C 202 -8.12 -13.82 -3.46
CA ASP C 202 -8.49 -12.47 -3.95
C ASP C 202 -9.63 -11.83 -3.12
N GLN C 203 -10.06 -10.65 -3.52
CA GLN C 203 -11.01 -9.83 -2.76
C GLN C 203 -12.45 -10.35 -2.80
N PHE C 204 -13.21 -10.06 -1.76
CA PHE C 204 -14.64 -10.37 -1.73
C PHE C 204 -15.44 -9.42 -2.60
N MET C 205 -16.44 -9.94 -3.28
CA MET C 205 -17.36 -9.14 -4.09
C MET C 205 -18.64 -8.92 -3.31
N ASP C 206 -19.50 -8.05 -3.83
CA ASP C 206 -20.74 -7.71 -3.14
C ASP C 206 -21.68 -8.93 -2.98
N ASN C 207 -21.59 -9.90 -3.89
CA ASN C 207 -22.41 -11.12 -3.78
C ASN C 207 -21.87 -12.19 -2.79
N GLY C 208 -20.80 -11.86 -2.08
CA GLY C 208 -20.17 -12.82 -1.15
C GLY C 208 -19.18 -13.82 -1.77
N TYR C 209 -19.18 -13.94 -3.08
CA TYR C 209 -18.11 -14.71 -3.75
C TYR C 209 -16.84 -13.86 -3.84
N THR C 210 -15.70 -14.50 -4.01
CA THR C 210 -14.44 -13.79 -4.21
C THR C 210 -14.20 -13.54 -5.69
N LYS C 211 -13.22 -12.70 -6.00
CA LYS C 211 -12.87 -12.42 -7.39
C LYS C 211 -12.41 -13.67 -8.13
N GLU C 212 -11.66 -14.54 -7.45
CA GLU C 212 -11.19 -15.79 -8.07
C GLU C 212 -12.39 -16.65 -8.49
N GLU C 213 -13.37 -16.76 -7.60
CA GLU C 213 -14.58 -17.54 -7.87
C GLU C 213 -15.36 -16.92 -9.05
N MET C 214 -15.52 -15.60 -9.03
CA MET C 214 -16.23 -14.93 -10.11
C MET C 214 -15.50 -15.01 -11.47
N LYS C 215 -14.16 -15.04 -11.44
CA LYS C 215 -13.38 -15.30 -12.66
C LYS C 215 -13.77 -16.66 -13.25
N MET C 216 -13.87 -17.68 -12.41
CA MET C 216 -14.26 -19.01 -12.91
C MET C 216 -15.65 -18.97 -13.53
N VAL C 217 -16.55 -18.14 -12.98
CA VAL C 217 -17.89 -17.98 -13.55
C VAL C 217 -17.79 -17.24 -14.90
N TRP C 218 -17.29 -16.01 -14.86
CA TRP C 218 -17.32 -15.14 -16.04
C TRP C 218 -16.38 -15.57 -17.17
N GLU C 219 -15.21 -16.07 -16.82
CA GLU C 219 -14.28 -16.57 -17.84
C GLU C 219 -14.79 -17.86 -18.53
N THR C 220 -15.37 -18.78 -17.78
CA THR C 220 -16.00 -19.96 -18.36
C THR C 220 -17.07 -19.58 -19.37
N GLN C 221 -17.97 -18.70 -18.97
CA GLN C 221 -19.05 -18.26 -19.87
C GLN C 221 -18.54 -17.57 -21.13
N LYS C 222 -17.50 -16.74 -20.98
CA LYS C 222 -16.87 -16.12 -22.17
C LYS C 222 -16.18 -17.16 -23.07
N ILE C 223 -15.39 -18.06 -22.49
CA ILE C 223 -14.59 -19.01 -23.28
C ILE C 223 -15.48 -20.03 -24.01
N PHE C 224 -16.57 -20.44 -23.36
CA PHE C 224 -17.53 -21.33 -24.04
C PHE C 224 -18.56 -20.54 -24.86
N ASN C 225 -18.53 -19.21 -24.77
CA ASN C 225 -19.50 -18.34 -25.45
C ASN C 225 -20.94 -18.74 -25.06
N ASP C 226 -21.15 -18.94 -23.76
CA ASP C 226 -22.38 -19.54 -23.27
C ASP C 226 -22.75 -18.99 -21.89
N PRO C 227 -23.55 -17.91 -21.84
CA PRO C 227 -24.00 -17.33 -20.58
C PRO C 227 -25.03 -18.20 -19.84
N SER C 228 -25.45 -19.30 -20.44
CA SER C 228 -26.37 -20.24 -19.79
C SER C 228 -25.67 -21.37 -19.01
N ILE C 229 -24.33 -21.49 -19.14
CA ILE C 229 -23.58 -22.41 -18.27
C ILE C 229 -23.54 -21.82 -16.88
N MET C 230 -24.17 -22.52 -15.93
CA MET C 230 -24.15 -22.07 -14.54
C MET C 230 -22.90 -22.61 -13.86
N VAL C 231 -22.20 -21.75 -13.13
CA VAL C 231 -20.95 -22.12 -12.47
C VAL C 231 -21.02 -21.70 -11.00
N ASN C 232 -20.66 -22.60 -10.09
CA ASN C 232 -20.79 -22.33 -8.66
C ASN C 232 -19.49 -22.72 -7.95
N PRO C 233 -18.53 -21.77 -7.82
CA PRO C 233 -17.26 -22.10 -7.17
C PRO C 233 -17.08 -21.73 -5.69
N THR C 234 -16.38 -22.59 -4.98
CA THR C 234 -15.68 -22.20 -3.75
C THR C 234 -14.17 -22.37 -3.99
N CYS C 235 -13.40 -21.29 -3.90
CA CYS C 235 -11.96 -21.37 -4.17
C CYS C 235 -11.16 -21.30 -2.87
N VAL C 236 -10.22 -22.23 -2.71
CA VAL C 236 -9.54 -22.44 -1.42
C VAL C 236 -8.04 -22.58 -1.62
N ARG C 237 -7.27 -21.82 -0.82
CA ARG C 237 -5.81 -21.93 -0.83
C ARG C 237 -5.38 -23.05 0.11
N VAL C 238 -4.48 -23.91 -0.34
CA VAL C 238 -4.03 -25.07 0.45
C VAL C 238 -2.49 -25.01 0.56
N PRO C 239 -1.90 -25.75 1.54
CA PRO C 239 -0.45 -25.66 1.78
C PRO C 239 0.35 -26.55 0.84
N VAL C 240 0.22 -26.24 -0.44
CA VAL C 240 0.87 -26.95 -1.52
C VAL C 240 1.70 -25.90 -2.27
N PHE C 241 2.88 -26.30 -2.76
CA PHE C 241 3.73 -25.40 -3.53
C PHE C 241 3.24 -25.25 -4.95
N TYR C 242 3.17 -26.34 -5.69
CA TYR C 242 2.87 -26.26 -7.12
C TYR C 242 1.66 -27.10 -7.52
N GLY C 243 0.88 -26.56 -8.46
CA GLY C 243 -0.24 -27.28 -9.04
C GLY C 243 -1.54 -26.92 -8.37
N HIS C 244 -2.62 -26.85 -9.15
CA HIS C 244 -3.94 -26.65 -8.60
C HIS C 244 -4.77 -27.89 -8.82
N ALA C 245 -5.57 -28.26 -7.82
CA ALA C 245 -6.49 -29.38 -7.94
C ALA C 245 -7.91 -28.89 -7.81
N GLU C 246 -8.83 -29.57 -8.49
CA GLU C 246 -10.22 -29.14 -8.50
C GLU C 246 -11.13 -30.34 -8.42
N ALA C 247 -12.13 -30.28 -7.54
CA ALA C 247 -13.21 -31.26 -7.53
C ALA C 247 -14.35 -30.67 -8.33
N VAL C 248 -14.67 -31.31 -9.46
CA VAL C 248 -15.62 -30.75 -10.42
C VAL C 248 -16.84 -31.69 -10.53
N HIS C 249 -17.99 -31.20 -10.10
CA HIS C 249 -19.23 -31.95 -10.19
C HIS C 249 -20.12 -31.28 -11.26
N VAL C 250 -20.24 -31.92 -12.41
CA VAL C 250 -20.94 -31.30 -13.56
C VAL C 250 -22.30 -31.93 -13.85
N GLU C 251 -23.23 -31.11 -14.34
CA GLU C 251 -24.55 -31.59 -14.74
C GLU C 251 -24.61 -31.40 -16.24
N THR C 252 -24.78 -32.49 -16.97
CA THR C 252 -24.80 -32.46 -18.42
C THR C 252 -26.22 -32.21 -18.94
N ARG C 253 -26.31 -31.76 -20.20
CA ARG C 253 -27.61 -31.47 -20.81
C ARG C 253 -28.29 -32.76 -21.30
N ALA C 254 -27.48 -33.67 -21.82
CA ALA C 254 -27.94 -35.03 -22.13
C ALA C 254 -27.20 -36.04 -21.26
N PRO C 255 -27.80 -37.22 -21.01
CA PRO C 255 -27.16 -38.31 -20.29
C PRO C 255 -25.83 -38.77 -20.89
N ILE C 256 -24.84 -38.98 -20.04
CA ILE C 256 -23.61 -39.64 -20.46
C ILE C 256 -23.04 -40.44 -19.28
N ASP C 257 -22.48 -41.61 -19.58
CA ASP C 257 -21.88 -42.46 -18.58
C ASP C 257 -20.40 -42.16 -18.39
N ALA C 258 -19.90 -42.36 -17.16
CA ALA C 258 -18.48 -42.19 -16.87
C ALA C 258 -17.57 -42.98 -17.78
N GLU C 259 -17.98 -44.20 -18.16
CA GLU C 259 -17.20 -45.01 -19.10
C GLU C 259 -16.94 -44.26 -20.41
N GLN C 260 -17.99 -43.65 -20.94
CA GLN C 260 -17.91 -42.84 -22.14
C GLN C 260 -17.05 -41.59 -21.96
N VAL C 261 -17.25 -40.83 -20.87
CA VAL C 261 -16.40 -39.64 -20.66
C VAL C 261 -14.92 -39.99 -20.53
N MET C 262 -14.61 -41.09 -19.84
CA MET C 262 -13.25 -41.57 -19.72
C MET C 262 -12.61 -41.90 -21.08
N ASP C 263 -13.34 -42.63 -21.94
CA ASP C 263 -12.85 -42.94 -23.28
C ASP C 263 -12.59 -41.66 -24.08
N MET C 264 -13.52 -40.71 -24.01
CA MET C 264 -13.35 -39.41 -24.64
C MET C 264 -12.13 -38.66 -24.11
N LEU C 265 -11.94 -38.68 -22.80
CA LEU C 265 -10.83 -37.93 -22.20
C LEU C 265 -9.48 -38.52 -22.57
N GLU C 266 -9.43 -39.85 -22.61
CA GLU C 266 -8.22 -40.59 -22.97
C GLU C 266 -7.77 -40.30 -24.40
N GLN C 267 -8.72 -39.97 -25.26
CA GLN C 267 -8.44 -39.68 -26.66
C GLN C 267 -8.36 -38.17 -26.94
N THR C 268 -8.31 -37.37 -25.88
CA THR C 268 -8.19 -35.92 -26.03
C THR C 268 -6.73 -35.50 -25.82
N ASP C 269 -6.21 -34.74 -26.79
CA ASP C 269 -4.86 -34.18 -26.71
C ASP C 269 -4.80 -33.19 -25.56
N GLY C 270 -3.73 -33.29 -24.76
CA GLY C 270 -3.54 -32.38 -23.63
C GLY C 270 -4.20 -32.84 -22.32
N ILE C 271 -4.77 -34.04 -22.34
CA ILE C 271 -5.33 -34.63 -21.12
C ILE C 271 -4.67 -35.98 -20.87
N GLU C 272 -4.25 -36.20 -19.62
CA GLU C 272 -3.82 -37.52 -19.19
C GLU C 272 -4.88 -38.05 -18.24
N LEU C 273 -5.49 -39.17 -18.58
CA LEU C 273 -6.56 -39.75 -17.76
C LEU C 273 -6.06 -40.86 -16.85
N PHE C 274 -6.36 -40.73 -15.55
CA PHE C 274 -6.06 -41.75 -14.55
C PHE C 274 -7.34 -42.55 -14.28
N ARG C 275 -7.23 -43.87 -14.40
CA ARG C 275 -8.40 -44.75 -14.23
C ARG C 275 -8.31 -45.56 -12.95
N GLY C 276 -9.45 -46.13 -12.55
CA GLY C 276 -9.49 -47.05 -11.41
C GLY C 276 -9.13 -46.38 -10.11
N ALA C 277 -8.32 -47.08 -9.30
CA ALA C 277 -7.86 -46.57 -8.01
C ALA C 277 -6.67 -45.60 -8.14
N ASP C 278 -6.24 -45.31 -9.36
CA ASP C 278 -5.21 -44.29 -9.55
C ASP C 278 -5.79 -42.92 -9.90
N PHE C 279 -5.13 -41.88 -9.40
CA PHE C 279 -5.56 -40.50 -9.61
C PHE C 279 -4.34 -39.60 -9.51
N PRO C 280 -4.36 -38.42 -10.19
CA PRO C 280 -3.24 -37.50 -10.05
C PRO C 280 -3.31 -36.68 -8.77
N THR C 281 -2.13 -36.38 -8.22
CA THR C 281 -2.03 -35.37 -7.19
C THR C 281 -1.03 -34.29 -7.61
N GLN C 282 -1.10 -33.17 -6.92
CA GLN C 282 -0.24 -32.01 -7.14
C GLN C 282 1.26 -32.38 -7.06
N VAL C 283 1.66 -33.00 -5.95
CA VAL C 283 3.07 -33.37 -5.72
C VAL C 283 3.53 -34.53 -6.62
N ARG C 284 2.79 -35.63 -6.64
CA ARG C 284 3.24 -36.81 -7.39
C ARG C 284 3.25 -36.61 -8.90
N ASP C 285 2.27 -35.89 -9.43
CA ASP C 285 1.98 -35.94 -10.86
C ASP C 285 2.00 -34.61 -11.63
N ALA C 286 1.48 -33.55 -11.04
CA ALA C 286 1.17 -32.36 -11.82
C ALA C 286 2.32 -31.36 -11.88
N GLY C 287 3.08 -31.26 -10.80
CA GLY C 287 4.21 -30.33 -10.75
C GLY C 287 5.18 -30.55 -11.88
N GLY C 288 5.38 -29.52 -12.70
CA GLY C 288 6.32 -29.59 -13.81
C GLY C 288 5.76 -30.04 -15.14
N LYS C 289 4.46 -30.36 -15.20
CA LYS C 289 3.83 -30.85 -16.42
C LYS C 289 3.16 -29.73 -17.18
N ASP C 290 3.05 -29.89 -18.49
CA ASP C 290 2.43 -28.89 -19.36
C ASP C 290 0.99 -29.20 -19.73
N HIS C 291 0.47 -30.36 -19.33
CA HIS C 291 -0.89 -30.77 -19.70
C HIS C 291 -1.85 -30.84 -18.50
N VAL C 292 -3.08 -31.30 -18.74
CA VAL C 292 -4.12 -31.39 -17.69
C VAL C 292 -4.32 -32.86 -17.29
N LEU C 293 -4.43 -33.11 -15.99
CA LEU C 293 -4.49 -34.46 -15.46
C LEU C 293 -5.83 -34.67 -14.79
N VAL C 294 -6.51 -35.74 -15.17
CA VAL C 294 -7.82 -36.04 -14.57
C VAL C 294 -7.98 -37.45 -14.02
N GLY C 295 -8.64 -37.54 -12.87
CA GLY C 295 -8.94 -38.83 -12.23
C GLY C 295 -10.31 -38.79 -11.57
N ARG C 296 -10.63 -39.84 -10.83
CA ARG C 296 -11.90 -39.94 -10.08
C ARG C 296 -13.15 -39.72 -10.93
N VAL C 297 -13.07 -40.03 -12.22
CA VAL C 297 -14.24 -39.84 -13.12
C VAL C 297 -15.30 -40.89 -12.82
N ARG C 298 -16.48 -40.43 -12.40
CA ARG C 298 -17.55 -41.32 -11.97
C ARG C 298 -18.90 -40.69 -12.16
N ASN C 299 -19.93 -41.53 -12.28
CA ASN C 299 -21.30 -41.07 -12.41
C ASN C 299 -21.72 -40.42 -11.12
N ASP C 300 -22.41 -39.30 -11.24
CA ASP C 300 -22.97 -38.61 -10.07
C ASP C 300 -24.20 -39.39 -9.60
N ILE C 301 -24.14 -39.88 -8.37
CA ILE C 301 -25.20 -40.71 -7.81
C ILE C 301 -26.37 -39.86 -7.32
N SER C 302 -26.14 -38.55 -7.22
CA SER C 302 -27.13 -37.62 -6.71
C SER C 302 -27.98 -36.97 -7.81
N HIS C 303 -27.63 -37.24 -9.06
CA HIS C 303 -28.25 -36.53 -10.19
C HIS C 303 -28.19 -37.44 -11.42
N HIS C 304 -29.33 -37.61 -12.07
CA HIS C 304 -29.45 -38.52 -13.21
C HIS C 304 -28.46 -38.24 -14.34
N SER C 305 -28.20 -36.98 -14.64
CA SER C 305 -27.25 -36.61 -15.69
C SER C 305 -26.04 -35.82 -15.18
N GLY C 306 -25.29 -36.44 -14.28
CA GLY C 306 -24.12 -35.80 -13.67
C GLY C 306 -22.85 -36.64 -13.71
N ILE C 307 -21.73 -35.94 -13.77
CA ILE C 307 -20.41 -36.57 -13.77
C ILE C 307 -19.49 -35.83 -12.79
N ASN C 308 -18.78 -36.59 -11.96
CA ASN C 308 -17.77 -36.04 -11.05
C ASN C 308 -16.37 -36.31 -11.60
N LEU C 309 -15.46 -35.37 -11.38
CA LEU C 309 -14.05 -35.55 -11.75
C LEU C 309 -13.12 -34.80 -10.82
N TRP C 310 -11.85 -35.18 -10.89
CA TRP C 310 -10.78 -34.53 -10.14
C TRP C 310 -9.74 -34.09 -11.17
N VAL C 311 -9.47 -32.79 -11.20
CA VAL C 311 -8.69 -32.18 -12.27
C VAL C 311 -7.49 -31.46 -11.67
N VAL C 312 -6.30 -31.78 -12.17
CA VAL C 312 -5.07 -31.20 -11.66
C VAL C 312 -4.19 -30.74 -12.81
N ALA C 313 -3.51 -29.61 -12.61
CA ALA C 313 -2.49 -29.13 -13.54
C ALA C 313 -1.49 -28.26 -12.79
N ASP C 314 -0.34 -28.02 -13.43
CA ASP C 314 0.64 -27.07 -12.92
C ASP C 314 0.10 -25.71 -13.33
N ASN C 315 -0.33 -24.95 -12.33
CA ASN C 315 -0.90 -23.62 -12.54
C ASN C 315 0.08 -22.55 -13.06
N VAL C 316 1.38 -22.77 -12.87
CA VAL C 316 2.39 -21.89 -13.46
C VAL C 316 2.65 -22.23 -14.94
N ARG C 317 2.48 -23.51 -15.28
CA ARG C 317 2.65 -23.98 -16.65
C ARG C 317 1.35 -23.94 -17.45
N LYS C 318 0.55 -25.01 -17.46
CA LYS C 318 -0.71 -24.96 -18.23
C LYS C 318 -1.61 -23.81 -17.77
N GLY C 319 -1.57 -23.52 -16.48
CA GLY C 319 -2.38 -22.43 -15.94
C GLY C 319 -1.93 -21.02 -16.28
N ALA C 320 -0.74 -20.90 -16.87
CA ALA C 320 -0.21 -19.60 -17.20
C ALA C 320 0.73 -19.61 -18.41
N ALA C 321 2.00 -19.92 -18.15
CA ALA C 321 3.06 -19.82 -19.14
C ALA C 321 2.84 -20.69 -20.39
N THR C 322 2.49 -21.95 -20.17
CA THR C 322 2.33 -22.90 -21.27
C THR C 322 1.12 -22.55 -22.13
N ASN C 323 -0.01 -22.20 -21.50
CA ASN C 323 -1.17 -21.71 -22.25
C ASN C 323 -0.81 -20.53 -23.17
N ALA C 324 -0.06 -19.58 -22.64
CA ALA C 324 0.36 -18.40 -23.43
C ALA C 324 1.25 -18.78 -24.62
N VAL C 325 2.21 -19.66 -24.39
CA VAL C 325 3.07 -20.14 -25.46
C VAL C 325 2.27 -20.90 -26.52
N GLN C 326 1.31 -21.73 -26.09
CA GLN C 326 0.44 -22.42 -27.04
C GLN C 326 -0.39 -21.48 -27.89
N ILE C 327 -0.86 -20.39 -27.29
CA ILE C 327 -1.56 -19.34 -28.04
C ILE C 327 -0.63 -18.75 -29.09
N ALA C 328 0.59 -18.44 -28.68
CA ALA C 328 1.59 -17.83 -29.57
C ALA C 328 1.95 -18.76 -30.75
N GLU C 329 2.01 -20.06 -30.47
CA GLU C 329 2.22 -21.12 -31.48
C GLU C 329 1.13 -21.10 -32.57
N LEU C 330 -0.13 -20.96 -32.17
CA LEU C 330 -1.23 -20.97 -33.14
C LEU C 330 -1.29 -19.65 -33.89
N LEU C 331 -0.95 -18.58 -33.19
CA LEU C 331 -0.86 -17.26 -33.78
C LEU C 331 0.12 -17.20 -34.94
N VAL C 332 1.35 -17.67 -34.72
CA VAL C 332 2.35 -17.65 -35.78
C VAL C 332 2.04 -18.60 -36.93
N ARG C 333 1.46 -19.77 -36.62
CA ARG C 333 1.15 -20.77 -37.64
C ARG C 333 0.02 -20.34 -38.58
N ASP C 334 -1.03 -19.76 -38.01
CA ASP C 334 -2.23 -19.44 -38.77
C ASP C 334 -2.38 -17.97 -39.19
N TYR C 335 -1.58 -17.07 -38.59
CA TYR C 335 -1.80 -15.63 -38.80
C TYR C 335 -0.54 -14.84 -39.19
N PHE C 336 0.62 -15.45 -39.07
CA PHE C 336 1.87 -14.82 -39.51
C PHE C 336 2.39 -15.52 -40.77
C1 OEG D . -2.49 -15.03 -13.50
O1 OEG D . -2.71 -13.80 -13.40
C2 OEG D . -1.04 -15.53 -13.37
O2 OEG D . -0.80 -16.96 -13.20
C3 OEG D . -0.19 -17.12 -11.88
C4 OEG D . 0.29 -18.53 -11.60
O3 OEG D . -0.55 -19.44 -11.42
O4 OEG D . 1.53 -18.70 -11.55
O5 OEG D . -3.38 -15.88 -13.71
#